data_1H5S
#
_entry.id   1H5S
#
_cell.length_a   73.100
_cell.length_b   119.270
_cell.length_c   81.110
_cell.angle_alpha   90.00
_cell.angle_beta   112.66
_cell.angle_gamma   90.00
#
_symmetry.space_group_name_H-M   'P 1 21 1'
#
loop_
_entity.id
_entity.type
_entity.pdbx_description
1 polymer 'Glucose-1-phosphate thymidylyltransferase 1'
2 polymer 'Glucose-1-phosphate thymidylyltransferase 1'
3 polymer 'Glucose-1-phosphate thymidylyltransferase 1'
4 polymer 'Glucose-1-phosphate thymidylyltransferase 1'
5 non-polymer "THYMIDINE-5'-PHOSPHATE"
6 water water
#
loop_
_entity_poly.entity_id
_entity_poly.type
_entity_poly.pdbx_seq_one_letter_code
_entity_poly.pdbx_strand_id
1 'polypeptide(L)'
;MKMRKGIILAGGSGTRLYPVTMAVSKQLLPIYDKPMIYYPLSTLMLAGIRDILIISTPQDTPRFQQLLGDGSQWGLNLQY
KVQPSPDGLAQAFIIGEEFIGGDDCALVLGDNIFYGHDLPKLMEAAVNKESGATVFAYHVNDPERYGVVEFDKNGTAISL
EEKPLEPKSNYAVTGLYFYDNDVVLMAKNLKPSARGELEITDINRIYLEQGRLSVALMGRGYAWLDTGTHQSLIEASNFI
ATIEERQGLKVSCPEEIAFRKGFIDVEQVRKLAVPLIKNNYGQYLYKMTKDSN
;
A
2 'polypeptide(L)'
;MKMRKGIILAGGSGTRLYPVTMAVSKQLLPIYDKPMIYYPLSTLMLAGIRDILIISTPQDTPRFQQLLGDGSQWGLNLQY
KVQPSPDGLAQAFIIGEEFIGGDDCALVLGDNIFYGHDLPKLMEAAVNKESGATVFAYHVNDPERYGVVEFDKNGTAISL
EEKPLEPKSNYAVTGLYFYDNDVVQMAKNLKPSARGELEITDINRIYLEQGRLSVALMGRGYAWLDTGTHQSLIEASNFI
ATIEERQGLKVSCPEEIAFRKGFIDVEQVRKLAVPLIKNNYGQYLYKQTKDSN
;
B
3 'polypeptide(L)'
;MKMRKGIILAGGSGTRLYPVTMAVSKQLLPIYDKPMIYYPLSTLMLAGIRDILIISTPQDTPRFQQLLGDGSQWGLNLQY
KVQPSPDGLAQAFIIGEEFIGGDDCALVLGDNIFYGHDLPKLMEAAVNKESGATVFAYHVNDPERYGVVEFDKNGTAISL
EEKPLEPKSNYAVTGLYFYDNDVVQMAKNLKPSARGELEITDINRIYLEQGRLSVAMMGRGYAWLDTGTHQSLIEASNFI
ATIEERQGLKVSCPEEIAFRKGFIDVEQVRKLAVPLIKNNYGQYLYKMTKDSN
;
C
4 'polypeptide(L)'
;MKMRKGIILAGGSGTRLYPVTMAVSKQLLPIYDKPMIYYPLSTLMLAGIRDILIISTPQDTPRFQQLLGDGSQWGLNLQY
KVQPSPDGLAQAFIIGEEFIGADDCALVLGDNIFYGHDLPKLMEAAVNKESGATVFAYHVNDPERYGVVEFDKNGTAISL
EEKPLEPKSNYAVTGLYFYDNDVVQMAKNLKPSARGELEITDINRIYLEQGRLSVALMGRGYAWLDTGTHQSLIEASNFI
ATIEERQGLKVSCPEEIAFRKGFIDVEQVRKLAVPLIKNNYGQYLYKMTKDSN
;
D
#
# COMPACT_ATOMS: atom_id res chain seq x y z
N LYS A 2 -9.25 29.64 -32.21
CA LYS A 2 -10.12 29.44 -31.01
C LYS A 2 -9.44 28.59 -29.92
N MET A 3 -9.21 27.31 -30.21
CA MET A 3 -8.59 26.38 -29.25
C MET A 3 -7.32 26.94 -28.59
N ARG A 4 -7.30 26.89 -27.26
CA ARG A 4 -6.15 27.23 -26.45
C ARG A 4 -5.05 26.16 -26.60
N LYS A 5 -3.80 26.57 -26.46
CA LYS A 5 -2.68 25.64 -26.68
C LYS A 5 -1.88 25.22 -25.44
N GLY A 6 -1.26 24.04 -25.57
CA GLY A 6 -0.38 23.56 -24.53
C GLY A 6 0.59 22.49 -25.01
N ILE A 7 1.66 22.36 -24.26
CA ILE A 7 2.66 21.38 -24.47
C ILE A 7 2.77 20.35 -23.30
N ILE A 8 2.90 19.08 -23.68
CA ILE A 8 3.26 18.03 -22.73
C ILE A 8 4.67 17.58 -23.05
N LEU A 9 5.58 17.78 -22.11
CA LEU A 9 6.97 17.46 -22.31
C LEU A 9 7.19 16.12 -21.59
N ALA A 10 7.24 15.08 -22.40
CA ALA A 10 7.25 13.70 -21.97
C ALA A 10 8.50 13.00 -22.46
N GLY A 11 9.63 13.67 -22.36
CA GLY A 11 10.90 13.08 -22.78
C GLY A 11 11.77 12.59 -21.63
N GLY A 12 13.04 12.88 -21.69
CA GLY A 12 13.97 12.38 -20.68
C GLY A 12 14.38 10.94 -20.93
N SER A 13 15.55 10.57 -20.44
CA SER A 13 15.97 9.18 -20.55
C SER A 13 15.02 8.17 -19.83
N GLY A 14 14.67 8.43 -18.56
CA GLY A 14 14.00 7.41 -17.75
C GLY A 14 15.01 6.37 -17.23
N THR A 15 16.27 6.73 -17.36
CA THR A 15 17.42 5.88 -17.02
C THR A 15 17.49 5.44 -15.56
N ARG A 16 16.99 6.28 -14.67
CA ARG A 16 17.11 5.94 -13.28
C ARG A 16 16.07 4.90 -12.87
N LEU A 17 15.17 4.58 -13.80
CA LEU A 17 14.22 3.51 -13.56
C LEU A 17 14.60 2.16 -14.20
N TYR A 18 15.75 2.11 -14.88
CA TYR A 18 16.20 0.85 -15.50
C TYR A 18 15.95 -0.27 -14.50
N PRO A 19 15.52 -1.43 -14.97
CA PRO A 19 15.30 -1.69 -16.39
C PRO A 19 13.84 -1.59 -16.77
N VAL A 20 13.03 -1.09 -15.87
CA VAL A 20 11.64 -0.91 -16.15
C VAL A 20 11.41 -0.07 -17.42
N THR A 21 12.30 0.88 -17.70
CA THR A 21 12.12 1.76 -18.83
C THR A 21 12.91 1.24 -20.01
N MET A 22 13.48 0.06 -19.87
CA MET A 22 14.31 -0.43 -20.95
C MET A 22 13.47 -0.67 -22.20
N ALA A 23 12.25 -1.18 -22.04
CA ALA A 23 11.43 -1.31 -23.24
C ALA A 23 10.01 -0.73 -23.15
N VAL A 24 9.89 0.39 -22.45
CA VAL A 24 8.64 1.08 -22.27
C VAL A 24 8.98 2.53 -21.95
N SER A 25 8.23 3.48 -22.48
CA SER A 25 8.43 4.87 -22.06
C SER A 25 7.83 5.06 -20.68
N LYS A 26 8.53 5.77 -19.82
CA LYS A 26 8.06 6.07 -18.48
C LYS A 26 6.65 6.55 -18.53
N GLN A 27 6.39 7.50 -19.42
CA GLN A 27 5.10 8.19 -19.41
C GLN A 27 3.99 7.34 -20.04
N LEU A 28 4.33 6.12 -20.45
CA LEU A 28 3.29 5.14 -20.74
C LEU A 28 3.05 4.10 -19.61
N LEU A 29 3.95 4.06 -18.62
CA LEU A 29 3.73 3.24 -17.43
C LEU A 29 2.36 3.54 -16.81
N PRO A 30 1.68 2.54 -16.25
CA PRO A 30 0.40 2.78 -15.60
C PRO A 30 0.53 3.54 -14.29
N ILE A 31 -0.45 4.38 -14.00
CA ILE A 31 -0.66 4.83 -12.63
C ILE A 31 -2.06 4.29 -12.32
N TYR A 32 -2.12 3.22 -11.53
CA TYR A 32 -3.38 2.49 -11.27
C TYR A 32 -3.99 1.99 -12.56
N ASP A 33 -5.05 2.61 -13.03
CA ASP A 33 -5.81 2.08 -14.19
C ASP A 33 -5.68 2.82 -15.53
N LYS A 34 -4.63 3.60 -15.73
CA LYS A 34 -4.49 4.29 -17.03
C LYS A 34 -3.07 4.75 -17.12
N PRO A 35 -2.58 4.94 -18.33
CA PRO A 35 -1.20 5.38 -18.55
C PRO A 35 -0.92 6.73 -17.89
N MET A 36 0.34 6.91 -17.48
CA MET A 36 0.81 8.14 -16.81
C MET A 36 0.44 9.44 -17.57
N ILE A 37 0.61 9.42 -18.90
CA ILE A 37 0.40 10.64 -19.67
C ILE A 37 -1.07 11.06 -19.66
N TYR A 38 -1.97 10.14 -19.36
CA TYR A 38 -3.37 10.53 -19.20
C TYR A 38 -3.53 11.61 -18.14
N TYR A 39 -2.64 11.67 -17.14
CA TYR A 39 -2.86 12.66 -16.07
C TYR A 39 -2.66 14.12 -16.47
N PRO A 40 -1.46 14.43 -16.93
CA PRO A 40 -1.16 15.80 -17.33
C PRO A 40 -2.00 16.16 -18.56
N LEU A 41 -2.39 15.15 -19.34
CA LEU A 41 -3.28 15.46 -20.45
C LEU A 41 -4.64 15.96 -19.92
N SER A 42 -5.12 15.28 -18.89
CA SER A 42 -6.35 15.66 -18.22
C SER A 42 -6.22 17.07 -17.64
N THR A 43 -5.04 17.35 -17.11
CA THR A 43 -4.83 18.66 -16.52
C THR A 43 -5.05 19.80 -17.53
N LEU A 44 -4.46 19.68 -18.68
CA LEU A 44 -4.60 20.71 -19.71
C LEU A 44 -6.05 20.75 -20.11
N MET A 45 -6.62 19.60 -20.40
CA MET A 45 -8.06 19.56 -20.71
C MET A 45 -8.88 20.33 -19.68
N LEU A 46 -8.62 20.11 -18.38
CA LEU A 46 -9.45 20.70 -17.35
C LEU A 46 -9.26 22.21 -17.33
N ALA A 47 -8.16 22.65 -17.94
CA ALA A 47 -7.84 24.05 -18.04
C ALA A 47 -8.45 24.68 -19.29
N GLY A 48 -9.14 23.89 -20.09
CA GLY A 48 -9.76 24.44 -21.30
C GLY A 48 -8.78 24.47 -22.47
N ILE A 49 -7.77 23.64 -22.41
CA ILE A 49 -6.77 23.59 -23.47
C ILE A 49 -6.93 22.37 -24.32
N ARG A 50 -7.21 22.56 -25.60
CA ARG A 50 -7.56 21.42 -26.43
C ARG A 50 -6.58 21.12 -27.56
N ASP A 51 -5.78 22.12 -27.93
CA ASP A 51 -4.77 21.97 -29.01
C ASP A 51 -3.44 21.68 -28.37
N ILE A 52 -2.93 20.45 -28.46
CA ILE A 52 -1.81 20.07 -27.61
C ILE A 52 -0.69 19.43 -28.40
N LEU A 53 0.53 19.86 -28.10
CA LEU A 53 1.75 19.34 -28.69
C LEU A 53 2.43 18.38 -27.68
N ILE A 54 2.65 17.13 -28.08
CA ILE A 54 3.33 16.17 -27.19
C ILE A 54 4.78 16.01 -27.65
N ILE A 55 5.71 16.30 -26.75
CA ILE A 55 7.14 16.15 -27.05
C ILE A 55 7.80 14.99 -26.30
N SER A 56 8.61 14.24 -27.03
CA SER A 56 9.35 13.13 -26.45
C SER A 56 10.62 12.79 -27.22
N THR A 57 11.20 11.61 -26.95
CA THR A 57 12.48 11.23 -27.50
C THR A 57 12.32 10.66 -28.91
N PRO A 58 13.38 10.50 -29.67
CA PRO A 58 13.27 9.90 -31.01
C PRO A 58 12.56 8.53 -30.95
N GLN A 59 12.77 7.79 -29.88
CA GLN A 59 12.22 6.42 -29.78
C GLN A 59 10.82 6.41 -29.18
N ASP A 60 10.51 7.31 -28.25
CA ASP A 60 9.19 7.24 -27.65
C ASP A 60 8.11 8.04 -28.29
N THR A 61 8.46 9.04 -29.08
CA THR A 61 7.40 9.88 -29.60
C THR A 61 6.40 9.09 -30.41
N PRO A 62 6.88 8.27 -31.35
CA PRO A 62 5.98 7.42 -32.16
C PRO A 62 5.11 6.47 -31.28
N ARG A 63 5.50 6.24 -30.05
CA ARG A 63 4.61 5.40 -29.26
C ARG A 63 3.45 6.21 -28.73
N PHE A 64 3.71 7.47 -28.46
CA PHE A 64 2.59 8.28 -27.98
C PHE A 64 1.57 8.49 -29.11
N GLN A 65 2.09 8.79 -30.29
CA GLN A 65 1.26 9.02 -31.47
C GLN A 65 0.51 7.72 -31.78
N GLN A 66 1.14 6.57 -31.57
CA GLN A 66 0.43 5.30 -31.72
C GLN A 66 -0.77 5.10 -30.74
N LEU A 67 -0.59 5.49 -29.47
CA LEU A 67 -1.72 5.39 -28.51
C LEU A 67 -2.85 6.43 -28.76
N LEU A 68 -2.48 7.69 -28.99
CA LEU A 68 -3.48 8.78 -28.95
C LEU A 68 -3.94 9.26 -30.33
N GLY A 69 -3.12 9.09 -31.35
CA GLY A 69 -3.54 9.53 -32.68
C GLY A 69 -3.63 11.06 -32.73
N ASP A 70 -4.62 11.60 -33.45
CA ASP A 70 -4.70 13.05 -33.57
C ASP A 70 -5.64 13.65 -32.52
N GLY A 71 -6.04 12.80 -31.56
CA GLY A 71 -6.86 13.16 -30.43
C GLY A 71 -8.27 13.60 -30.75
N SER A 72 -8.62 13.64 -32.02
CA SER A 72 -9.98 14.10 -32.35
C SER A 72 -11.08 13.20 -31.79
N GLN A 73 -10.75 11.96 -31.42
CA GLN A 73 -11.74 11.07 -30.82
C GLN A 73 -12.01 11.58 -29.42
N TRP A 74 -11.12 12.42 -28.94
CA TRP A 74 -11.44 13.09 -27.69
C TRP A 74 -11.91 14.53 -27.83
N GLY A 75 -12.12 15.01 -29.06
CA GLY A 75 -12.52 16.43 -29.21
C GLY A 75 -11.31 17.35 -29.02
N LEU A 76 -10.13 16.83 -29.32
CA LEU A 76 -8.87 17.57 -29.19
C LEU A 76 -8.13 17.62 -30.50
N ASN A 77 -7.04 18.39 -30.53
CA ASN A 77 -6.07 18.38 -31.63
C ASN A 77 -4.67 18.08 -31.02
N LEU A 78 -4.14 16.91 -31.35
CA LEU A 78 -2.87 16.43 -30.86
C LEU A 78 -1.83 16.36 -32.00
N GLN A 79 -0.64 16.91 -31.79
CA GLN A 79 0.43 16.74 -32.73
C GLN A 79 1.71 16.35 -32.00
N TYR A 80 2.73 16.00 -32.75
CA TYR A 80 3.93 15.46 -32.12
C TYR A 80 5.28 16.01 -32.64
N LYS A 81 6.28 16.04 -31.78
CA LYS A 81 7.59 16.52 -32.18
C LYS A 81 8.61 15.87 -31.27
N VAL A 82 9.79 15.70 -31.79
CA VAL A 82 10.86 14.95 -31.11
C VAL A 82 11.85 15.91 -30.49
N GLN A 83 12.33 15.58 -29.27
CA GLN A 83 13.44 16.28 -28.66
C GLN A 83 14.63 15.32 -28.75
N PRO A 84 15.62 15.68 -29.56
CA PRO A 84 16.76 14.79 -29.81
C PRO A 84 17.48 14.45 -28.50
N SER A 85 17.66 15.44 -27.64
CA SER A 85 18.29 15.16 -26.37
C SER A 85 17.75 16.10 -25.32
N PRO A 86 17.72 15.60 -24.11
CA PRO A 86 17.11 16.30 -22.97
C PRO A 86 18.05 17.40 -22.45
N ASP A 87 18.08 18.52 -23.15
CA ASP A 87 19.00 19.56 -22.87
C ASP A 87 18.28 20.76 -22.23
N GLY A 88 17.05 20.52 -21.78
CA GLY A 88 16.36 21.50 -20.95
C GLY A 88 14.87 21.62 -21.11
N LEU A 89 14.11 21.78 -20.02
CA LEU A 89 12.66 22.06 -20.08
C LEU A 89 12.29 23.21 -21.01
N ALA A 90 13.12 24.26 -21.06
CA ALA A 90 12.75 25.42 -21.90
C ALA A 90 12.82 25.08 -23.38
N GLN A 91 13.50 23.99 -23.71
CA GLN A 91 13.58 23.54 -25.11
C GLN A 91 12.18 23.23 -25.64
N ALA A 92 11.25 23.05 -24.72
CA ALA A 92 9.92 22.75 -25.15
C ALA A 92 9.44 23.92 -26.05
N PHE A 93 9.78 25.15 -25.68
CA PHE A 93 9.29 26.29 -26.43
C PHE A 93 10.09 26.58 -27.73
N ILE A 94 11.30 26.09 -27.80
CA ILE A 94 12.10 26.18 -29.02
C ILE A 94 11.63 25.13 -30.03
N ILE A 95 11.45 23.91 -29.56
CA ILE A 95 10.87 22.88 -30.42
C ILE A 95 9.44 23.24 -30.82
N GLY A 96 8.67 23.85 -29.92
CA GLY A 96 7.30 24.19 -30.25
C GLY A 96 7.00 25.60 -30.85
N GLU A 97 8.04 26.33 -31.24
CA GLU A 97 7.88 27.70 -31.78
C GLU A 97 6.85 27.72 -32.90
N GLU A 98 7.05 26.90 -33.93
CA GLU A 98 6.01 26.88 -34.97
C GLU A 98 4.65 26.57 -34.38
N PHE A 99 4.56 25.55 -33.53
CA PHE A 99 3.21 25.19 -33.07
C PHE A 99 2.61 26.23 -32.15
N ILE A 100 3.46 27.02 -31.53
CA ILE A 100 2.92 28.07 -30.75
C ILE A 100 2.46 29.31 -31.52
N GLY A 101 3.17 29.66 -32.57
CA GLY A 101 2.86 30.87 -33.33
C GLY A 101 2.81 32.13 -32.46
N GLY A 102 1.74 32.90 -32.60
CA GLY A 102 1.55 34.10 -31.78
C GLY A 102 0.65 33.91 -30.54
N ASP A 103 0.34 32.67 -30.16
CA ASP A 103 -0.60 32.49 -29.05
C ASP A 103 0.06 32.30 -27.69
N ASP A 104 -0.75 32.33 -26.64
CA ASP A 104 -0.40 31.81 -25.35
C ASP A 104 -0.10 30.30 -25.47
N CYS A 105 0.64 29.76 -24.49
CA CYS A 105 0.91 28.31 -24.35
C CYS A 105 1.16 27.91 -22.91
N ALA A 106 0.52 26.85 -22.45
CA ALA A 106 0.89 26.18 -21.22
C ALA A 106 1.93 25.12 -21.47
N LEU A 107 2.59 24.71 -20.41
CA LEU A 107 3.44 23.56 -20.48
C LEU A 107 3.15 22.72 -19.27
N VAL A 108 2.96 21.43 -19.49
CA VAL A 108 2.97 20.52 -18.37
C VAL A 108 3.93 19.36 -18.60
N LEU A 109 4.60 18.94 -17.53
CA LEU A 109 5.49 17.78 -17.64
C LEU A 109 4.75 16.46 -17.68
N GLY A 110 5.19 15.59 -18.58
CA GLY A 110 4.49 14.34 -18.78
C GLY A 110 4.44 13.45 -17.56
N ASP A 111 5.32 13.62 -16.58
CA ASP A 111 5.12 12.75 -15.42
C ASP A 111 4.47 13.44 -14.19
N ASN A 112 3.84 14.59 -14.39
CA ASN A 112 3.21 15.30 -13.30
C ASN A 112 1.73 14.98 -13.06
N ILE A 113 1.38 14.69 -11.81
CA ILE A 113 0.03 14.32 -11.46
C ILE A 113 -0.51 15.25 -10.42
N PHE A 114 -1.52 16.04 -10.81
CA PHE A 114 -2.21 16.98 -9.93
C PHE A 114 -3.61 16.51 -9.59
N TYR A 115 -4.04 16.78 -8.36
CA TYR A 115 -5.40 16.46 -7.99
C TYR A 115 -5.92 17.26 -6.84
N GLY A 116 -7.18 17.64 -6.90
CA GLY A 116 -7.78 18.22 -5.74
C GLY A 116 -8.95 19.15 -5.97
N HIS A 117 -9.59 19.47 -4.85
CA HIS A 117 -10.79 20.27 -4.87
C HIS A 117 -10.51 21.66 -5.50
N ASP A 118 -11.33 22.05 -6.45
CA ASP A 118 -11.24 23.35 -7.14
C ASP A 118 -9.99 23.62 -7.99
N LEU A 119 -9.25 22.58 -8.34
CA LEU A 119 -8.06 22.71 -9.19
C LEU A 119 -8.35 23.44 -10.52
N PRO A 120 -9.48 23.11 -11.16
CA PRO A 120 -9.83 23.77 -12.42
C PRO A 120 -9.93 25.28 -12.18
N LYS A 121 -10.37 25.68 -10.99
CA LYS A 121 -10.48 27.10 -10.73
C LYS A 121 -9.10 27.76 -10.64
N LEU A 122 -8.20 27.10 -9.92
CA LEU A 122 -6.82 27.56 -9.76
C LEU A 122 -6.21 27.57 -11.19
N MET A 123 -6.51 26.59 -12.02
CA MET A 123 -5.95 26.68 -13.36
C MET A 123 -6.59 27.82 -14.20
N GLU A 124 -7.92 27.97 -14.10
CA GLU A 124 -8.61 29.04 -14.89
C GLU A 124 -8.15 30.48 -14.66
N ALA A 125 -7.65 30.78 -13.47
CA ALA A 125 -7.10 32.09 -13.24
C ALA A 125 -5.84 32.30 -14.04
N ALA A 126 -5.06 31.23 -14.17
CA ALA A 126 -3.79 31.34 -14.86
C ALA A 126 -4.03 31.44 -16.36
N VAL A 127 -5.04 30.73 -16.85
CA VAL A 127 -5.38 30.80 -18.28
C VAL A 127 -6.01 32.18 -18.60
N ASN A 128 -6.76 32.72 -17.65
CA ASN A 128 -7.36 34.03 -17.86
C ASN A 128 -6.36 35.10 -18.04
N LYS A 129 -5.29 35.02 -17.25
CA LYS A 129 -4.24 36.02 -17.27
C LYS A 129 -3.91 36.51 -18.71
N GLU A 130 -3.79 37.81 -18.91
CA GLU A 130 -3.60 38.28 -20.30
C GLU A 130 -2.12 38.47 -20.66
N SER A 131 -1.33 38.96 -19.71
CA SER A 131 0.10 39.19 -19.93
C SER A 131 0.95 38.61 -18.81
N GLY A 132 2.13 38.10 -19.13
CA GLY A 132 2.93 37.48 -18.09
C GLY A 132 2.86 35.95 -18.11
N ALA A 133 2.99 35.39 -16.90
CA ALA A 133 3.16 33.97 -16.68
C ALA A 133 2.70 33.63 -15.25
N THR A 134 2.30 32.37 -15.06
CA THR A 134 1.94 31.81 -13.76
C THR A 134 2.68 30.48 -13.56
N VAL A 135 3.23 30.30 -12.37
CA VAL A 135 3.69 29.01 -11.95
C VAL A 135 3.02 28.75 -10.61
N PHE A 136 3.25 27.58 -10.06
CA PHE A 136 2.61 27.20 -8.79
C PHE A 136 3.65 26.69 -7.84
N ALA A 137 3.54 27.12 -6.60
CA ALA A 137 4.50 26.75 -5.57
C ALA A 137 3.86 25.74 -4.63
N TYR A 138 4.59 24.71 -4.24
CA TYR A 138 4.01 23.64 -3.48
C TYR A 138 5.05 23.15 -2.49
N HIS A 139 4.64 23.06 -1.24
CA HIS A 139 5.53 22.65 -0.15
C HIS A 139 5.90 21.18 -0.27
N VAL A 140 7.18 20.86 -0.30
CA VAL A 140 7.60 19.49 -0.41
C VAL A 140 8.75 19.18 0.55
N ASN A 141 9.01 17.88 0.66
CA ASN A 141 10.08 17.36 1.49
C ASN A 141 11.49 17.58 0.98
N ASP A 142 11.65 17.48 -0.34
CA ASP A 142 13.00 17.52 -0.92
C ASP A 142 13.14 18.61 -1.99
N PRO A 143 13.02 19.87 -1.61
CA PRO A 143 12.99 21.00 -2.57
C PRO A 143 14.18 21.03 -3.54
N GLU A 144 15.32 20.49 -3.11
CA GLU A 144 16.55 20.60 -3.85
C GLU A 144 16.43 19.88 -5.16
N ARG A 145 15.40 19.05 -5.29
CA ARG A 145 15.15 18.39 -6.55
C ARG A 145 14.47 19.32 -7.58
N TYR A 146 14.10 20.51 -7.16
CA TYR A 146 13.25 21.30 -8.03
C TYR A 146 13.73 22.73 -8.21
N GLY A 147 12.99 23.51 -8.99
CA GLY A 147 13.07 24.97 -8.91
C GLY A 147 12.49 25.39 -7.57
N VAL A 148 13.22 26.24 -6.83
CA VAL A 148 12.86 26.66 -5.47
C VAL A 148 12.56 28.15 -5.31
N VAL A 149 11.47 28.47 -4.65
CA VAL A 149 11.11 29.85 -4.47
C VAL A 149 11.42 30.44 -3.14
N GLU A 150 11.95 31.65 -3.19
CA GLU A 150 12.28 32.37 -1.99
C GLU A 150 11.25 33.47 -1.82
N PHE A 151 10.77 33.61 -0.59
CA PHE A 151 9.71 34.54 -0.25
C PHE A 151 10.20 35.64 0.72
N ASP A 152 9.47 36.76 0.69
CA ASP A 152 9.55 37.88 1.63
C ASP A 152 9.20 37.46 3.05
N LYS A 153 9.25 38.45 3.94
CA LYS A 153 8.59 38.33 5.25
C LYS A 153 7.09 38.62 5.11
N ASN A 154 6.72 39.29 4.02
CA ASN A 154 5.31 39.44 3.68
C ASN A 154 4.75 38.26 2.84
N GLY A 155 5.58 37.29 2.47
CA GLY A 155 5.14 36.20 1.61
C GLY A 155 5.12 36.50 0.12
N THR A 156 5.90 37.50 -0.27
CA THR A 156 6.01 37.77 -1.66
C THR A 156 7.15 36.94 -2.23
N ALA A 157 6.89 36.29 -3.36
CA ALA A 157 7.97 35.61 -4.06
C ALA A 157 8.97 36.63 -4.55
N ILE A 158 10.22 36.37 -4.25
CA ILE A 158 11.27 37.33 -4.51
C ILE A 158 12.46 36.72 -5.25
N SER A 159 12.53 35.40 -5.39
CA SER A 159 13.67 34.77 -6.03
C SER A 159 13.49 33.30 -6.40
N LEU A 160 14.26 32.82 -7.36
CA LEU A 160 14.05 31.44 -7.79
C LEU A 160 15.38 30.83 -8.02
N GLU A 161 15.57 29.56 -7.65
CA GLU A 161 16.86 28.87 -7.95
C GLU A 161 16.58 27.42 -8.30
N GLU A 162 17.28 26.94 -9.32
CA GLU A 162 17.07 25.62 -9.90
C GLU A 162 17.96 24.62 -9.12
N LYS A 163 17.32 23.64 -8.48
CA LYS A 163 18.03 22.61 -7.70
C LYS A 163 19.12 23.16 -6.77
N PRO A 164 18.77 24.10 -5.93
CA PRO A 164 19.77 24.66 -5.04
C PRO A 164 20.33 23.56 -4.12
N LEU A 165 21.64 23.64 -3.94
CA LEU A 165 22.34 22.85 -2.93
C LEU A 165 21.83 23.22 -1.56
N GLU A 166 21.56 24.52 -1.35
CA GLU A 166 20.97 24.99 -0.08
C GLU A 166 19.65 25.70 -0.34
N PRO A 167 18.56 24.95 -0.36
CA PRO A 167 17.26 25.50 -0.73
C PRO A 167 16.88 26.66 0.19
N LYS A 168 16.29 27.73 -0.36
CA LYS A 168 15.86 28.86 0.46
C LYS A 168 14.50 28.69 1.11
N SER A 169 13.74 27.72 0.64
CA SER A 169 12.48 27.41 1.26
C SER A 169 12.18 25.95 0.99
N ASN A 170 11.04 25.47 1.45
CA ASN A 170 10.61 24.15 1.05
C ASN A 170 9.57 24.18 -0.06
N TYR A 171 9.48 25.33 -0.73
CA TYR A 171 8.53 25.50 -1.81
C TYR A 171 9.17 25.30 -3.20
N ALA A 172 8.79 24.19 -3.81
CA ALA A 172 9.16 23.89 -5.20
C ALA A 172 8.15 24.48 -6.20
N VAL A 173 8.63 24.78 -7.41
CA VAL A 173 7.81 25.09 -8.56
C VAL A 173 7.33 23.78 -9.21
N THR A 174 6.02 23.60 -9.39
CA THR A 174 5.50 22.33 -9.95
C THR A 174 5.77 22.31 -11.44
N GLY A 175 5.47 21.18 -12.06
CA GLY A 175 5.70 21.04 -13.47
C GLY A 175 4.51 21.50 -14.30
N LEU A 176 3.76 22.49 -13.84
CA LEU A 176 2.66 23.01 -14.68
C LEU A 176 2.92 24.49 -14.76
N TYR A 177 2.82 25.08 -15.94
CA TYR A 177 3.15 26.47 -16.11
C TYR A 177 2.28 27.05 -17.22
N PHE A 178 2.04 28.36 -17.13
CA PHE A 178 1.26 29.07 -18.13
C PHE A 178 2.03 30.35 -18.56
N TYR A 179 2.13 30.58 -19.87
CA TYR A 179 2.86 31.75 -20.41
C TYR A 179 2.00 32.55 -21.40
N ASP A 180 2.35 33.82 -21.58
CA ASP A 180 1.83 34.57 -22.71
C ASP A 180 2.77 34.24 -23.85
N ASN A 181 2.72 35.01 -24.93
CA ASN A 181 3.46 34.62 -26.12
C ASN A 181 4.92 35.07 -26.07
N ASP A 182 5.32 35.70 -24.95
CA ASP A 182 6.71 36.16 -24.79
C ASP A 182 7.71 35.01 -24.49
N VAL A 183 7.21 33.88 -23.97
CA VAL A 183 8.03 32.72 -23.60
C VAL A 183 8.93 32.17 -24.73
N VAL A 184 8.54 32.31 -25.97
CA VAL A 184 9.33 31.70 -27.05
C VAL A 184 10.64 32.47 -27.33
N LEU A 185 10.54 33.78 -27.43
CA LEU A 185 11.74 34.57 -27.54
C LEU A 185 12.63 34.43 -26.31
N MET A 186 12.07 34.42 -25.09
CA MET A 186 12.94 34.21 -23.91
C MET A 186 13.68 32.86 -23.96
N ALA A 187 13.02 31.82 -24.46
CA ALA A 187 13.66 30.52 -24.50
C ALA A 187 14.77 30.52 -25.59
N LYS A 188 14.53 31.30 -26.61
CA LYS A 188 15.48 31.31 -27.75
C LYS A 188 16.74 32.06 -27.39
N ASN A 189 16.68 32.88 -26.34
CA ASN A 189 17.81 33.66 -25.88
C ASN A 189 18.59 33.02 -24.73
N LEU A 190 18.05 31.91 -24.20
CA LEU A 190 18.71 31.23 -23.08
C LEU A 190 20.07 30.68 -23.45
N LYS A 191 20.91 30.60 -22.43
CA LYS A 191 22.20 29.96 -22.52
C LYS A 191 22.19 28.89 -21.47
N PRO A 192 22.95 27.84 -21.69
CA PRO A 192 23.00 26.73 -20.76
C PRO A 192 23.51 27.20 -19.42
N SER A 193 22.89 26.62 -18.40
CA SER A 193 23.13 26.99 -17.01
C SER A 193 24.32 26.23 -16.45
N ALA A 194 24.57 26.43 -15.17
CA ALA A 194 25.61 25.63 -14.51
C ALA A 194 25.41 24.16 -14.77
N ARG A 195 24.17 23.77 -15.06
CA ARG A 195 23.96 22.35 -15.23
C ARG A 195 24.02 22.19 -16.69
N GLY A 196 23.52 21.11 -17.21
CA GLY A 196 23.74 21.14 -18.65
C GLY A 196 22.94 22.13 -19.50
N GLU A 197 22.08 22.95 -18.90
CA GLU A 197 20.76 23.04 -19.56
C GLU A 197 20.08 24.34 -19.86
N LEU A 198 19.10 24.30 -20.78
CA LEU A 198 18.25 25.47 -21.07
C LEU A 198 17.06 25.45 -20.05
N GLU A 199 17.15 26.27 -19.03
CA GLU A 199 16.28 26.15 -17.86
C GLU A 199 14.94 26.91 -17.98
N ILE A 200 13.85 26.28 -17.60
CA ILE A 200 12.60 27.02 -17.51
C ILE A 200 12.68 27.98 -16.31
N THR A 201 13.46 27.60 -15.31
CA THR A 201 13.62 28.49 -14.18
C THR A 201 14.17 29.87 -14.58
N ASP A 202 15.06 29.88 -15.57
CA ASP A 202 15.59 31.16 -16.04
C ASP A 202 14.51 32.04 -16.67
N ILE A 203 13.60 31.45 -17.44
CA ILE A 203 12.52 32.22 -18.02
C ILE A 203 11.62 32.72 -16.87
N ASN A 204 11.49 31.92 -15.82
CA ASN A 204 10.52 32.26 -14.83
C ASN A 204 11.08 33.43 -14.03
N ARG A 205 12.40 33.45 -13.90
CA ARG A 205 13.06 34.45 -13.16
C ARG A 205 12.87 35.76 -13.93
N ILE A 206 12.99 35.69 -15.26
CA ILE A 206 12.84 36.88 -16.12
C ILE A 206 11.42 37.50 -15.98
N TYR A 207 10.39 36.67 -16.09
CA TYR A 207 9.06 37.11 -15.74
C TYR A 207 9.01 37.71 -14.30
N LEU A 208 9.59 37.01 -13.32
CA LEU A 208 9.53 37.52 -11.95
C LEU A 208 10.16 38.91 -11.89
N GLU A 209 11.28 39.09 -12.56
CA GLU A 209 11.99 40.35 -12.45
C GLU A 209 11.32 41.45 -13.29
N GLN A 210 10.47 41.04 -14.23
CA GLN A 210 9.69 42.02 -14.98
C GLN A 210 8.48 42.50 -14.18
N GLY A 211 8.19 41.84 -13.07
CA GLY A 211 7.03 42.18 -12.25
C GLY A 211 5.81 41.49 -12.87
N ARG A 212 6.06 40.51 -13.75
CA ARG A 212 4.99 39.85 -14.39
C ARG A 212 4.83 38.38 -13.99
N LEU A 213 5.40 37.89 -12.90
CA LEU A 213 5.22 36.47 -12.60
C LEU A 213 4.26 36.31 -11.41
N SER A 214 3.13 35.67 -11.64
CA SER A 214 2.21 35.21 -10.60
C SER A 214 2.78 33.89 -10.04
N VAL A 215 3.18 33.91 -8.77
CA VAL A 215 3.62 32.66 -8.14
C VAL A 215 2.44 32.14 -7.32
N ALA A 216 1.56 31.37 -7.96
CA ALA A 216 0.34 30.89 -7.28
C ALA A 216 0.65 29.78 -6.28
N LEU A 217 0.29 30.00 -5.04
CA LEU A 217 0.56 29.00 -3.98
C LEU A 217 -0.45 27.79 -4.10
N MET A 218 0.06 26.58 -4.19
CA MET A 218 -0.82 25.40 -4.23
C MET A 218 -0.80 24.88 -2.81
N GLY A 219 -1.93 25.06 -2.12
CA GLY A 219 -2.07 24.60 -0.75
C GLY A 219 -1.85 23.12 -0.51
N ARG A 220 -1.59 22.82 0.76
CA ARG A 220 -1.39 21.45 1.20
C ARG A 220 -2.63 20.53 1.03
N GLY A 221 -3.78 21.11 0.78
CA GLY A 221 -4.94 20.29 0.44
C GLY A 221 -4.90 19.69 -0.96
N TYR A 222 -3.99 20.15 -1.83
CA TYR A 222 -3.85 19.54 -3.17
C TYR A 222 -2.82 18.43 -3.13
N ALA A 223 -2.95 17.45 -4.02
CA ALA A 223 -1.88 16.47 -4.16
C ALA A 223 -1.07 16.72 -5.41
N TRP A 224 0.25 16.65 -5.29
CA TRP A 224 1.07 16.72 -6.49
C TRP A 224 2.07 15.56 -6.37
N LEU A 225 1.67 14.41 -6.92
CA LEU A 225 2.29 13.11 -6.69
C LEU A 225 3.65 12.94 -7.39
N ASP A 226 4.49 12.17 -6.72
CA ASP A 226 5.89 12.05 -7.10
C ASP A 226 6.04 10.81 -7.98
N THR A 227 6.71 10.97 -9.12
CA THR A 227 6.87 9.86 -10.05
C THR A 227 8.35 9.52 -10.31
N GLY A 228 9.24 10.02 -9.43
CA GLY A 228 10.69 9.90 -9.60
C GLY A 228 11.40 8.57 -9.23
N THR A 229 10.68 7.66 -8.58
CA THR A 229 11.30 6.42 -8.24
C THR A 229 10.29 5.28 -8.45
N HIS A 230 10.79 4.06 -8.48
CA HIS A 230 9.92 2.89 -8.53
C HIS A 230 8.99 2.99 -7.37
N GLN A 231 9.49 3.43 -6.22
CA GLN A 231 8.61 3.49 -5.03
C GLN A 231 7.52 4.63 -5.16
N SER A 232 7.86 5.74 -5.84
CA SER A 232 6.90 6.87 -5.90
C SER A 232 5.71 6.57 -6.86
N LEU A 233 6.04 5.83 -7.90
CA LEU A 233 5.07 5.31 -8.85
C LEU A 233 4.01 4.44 -8.16
N ILE A 234 4.47 3.48 -7.38
CA ILE A 234 3.55 2.59 -6.71
C ILE A 234 2.67 3.43 -5.81
N GLU A 235 3.31 4.36 -5.07
CA GLU A 235 2.63 5.25 -4.16
C GLU A 235 1.61 6.05 -4.92
N ALA A 236 1.97 6.54 -6.09
CA ALA A 236 1.04 7.37 -6.82
C ALA A 236 -0.11 6.46 -7.33
N SER A 237 0.21 5.21 -7.66
CA SER A 237 -0.90 4.32 -8.06
C SER A 237 -1.89 3.99 -6.90
N ASN A 238 -1.37 3.65 -5.72
CA ASN A 238 -2.23 3.37 -4.56
C ASN A 238 -3.11 4.58 -4.21
N PHE A 239 -2.56 5.78 -4.35
CA PHE A 239 -3.28 7.02 -4.01
C PHE A 239 -4.51 7.07 -4.89
N ILE A 240 -4.26 7.17 -6.19
CA ILE A 240 -5.33 7.13 -7.19
C ILE A 240 -6.37 6.02 -6.94
N ALA A 241 -5.90 4.79 -6.68
CA ALA A 241 -6.84 3.66 -6.53
C ALA A 241 -7.73 3.81 -5.29
N THR A 242 -7.19 4.41 -4.24
CA THR A 242 -7.95 4.52 -3.02
C THR A 242 -8.99 5.56 -3.27
N ILE A 243 -8.65 6.61 -4.03
CA ILE A 243 -9.67 7.63 -4.36
C ILE A 243 -10.80 7.06 -5.25
N GLU A 244 -10.44 6.38 -6.33
CA GLU A 244 -11.46 5.90 -7.28
C GLU A 244 -12.38 4.85 -6.66
N GLU A 245 -11.80 3.95 -5.89
CA GLU A 245 -12.64 2.88 -5.34
C GLU A 245 -13.52 3.34 -4.19
N ARG A 246 -13.12 4.37 -3.42
CA ARG A 246 -14.07 4.93 -2.45
C ARG A 246 -15.23 5.65 -3.18
N GLN A 247 -14.90 6.41 -4.20
CA GLN A 247 -15.88 7.30 -4.81
C GLN A 247 -16.72 6.60 -5.90
N GLY A 248 -16.17 5.51 -6.44
CA GLY A 248 -16.72 4.99 -7.67
C GLY A 248 -16.67 6.04 -8.77
N LEU A 249 -15.63 6.88 -8.76
CA LEU A 249 -15.39 7.88 -9.82
C LEU A 249 -13.93 7.77 -10.23
N LYS A 250 -13.58 8.09 -11.49
CA LYS A 250 -12.19 8.03 -11.91
C LYS A 250 -11.45 9.39 -11.80
N VAL A 251 -10.15 9.35 -11.53
CA VAL A 251 -9.34 10.55 -11.55
C VAL A 251 -8.67 10.71 -12.92
N SER A 252 -8.78 11.91 -13.52
CA SER A 252 -8.16 12.17 -14.81
C SER A 252 -8.45 11.13 -15.90
N CYS A 253 -9.71 10.78 -16.07
CA CYS A 253 -10.16 9.99 -17.20
C CYS A 253 -10.45 10.99 -18.33
N PRO A 254 -9.63 11.04 -19.35
CA PRO A 254 -9.82 12.02 -20.43
C PRO A 254 -11.19 12.01 -21.16
N GLU A 255 -11.68 10.81 -21.48
CA GLU A 255 -12.89 10.65 -22.21
C GLU A 255 -13.93 11.30 -21.35
N GLU A 256 -13.83 11.10 -20.05
CA GLU A 256 -14.85 11.64 -19.14
C GLU A 256 -14.81 13.17 -19.11
N ILE A 257 -13.62 13.74 -18.91
CA ILE A 257 -13.40 15.18 -19.02
C ILE A 257 -13.96 15.84 -20.32
N ALA A 258 -13.63 15.27 -21.49
CA ALA A 258 -14.14 15.76 -22.78
C ALA A 258 -15.66 15.79 -22.71
N PHE A 259 -16.24 14.66 -22.29
CA PHE A 259 -17.68 14.62 -22.19
C PHE A 259 -18.17 15.70 -21.23
N ARG A 260 -17.70 15.69 -19.99
CA ARG A 260 -18.24 16.62 -18.99
C ARG A 260 -18.06 18.08 -19.43
N LYS A 261 -17.01 18.38 -20.22
CA LYS A 261 -16.75 19.77 -20.63
C LYS A 261 -17.38 20.16 -21.94
N GLY A 262 -17.94 19.16 -22.64
CA GLY A 262 -18.69 19.42 -23.85
C GLY A 262 -17.76 19.36 -25.04
N PHE A 263 -16.61 18.74 -24.84
CA PHE A 263 -15.73 18.54 -25.97
C PHE A 263 -16.39 17.53 -26.89
N ILE A 264 -17.06 16.51 -26.36
CA ILE A 264 -17.70 15.49 -27.21
C ILE A 264 -19.07 15.27 -26.71
N ASP A 265 -19.93 14.63 -27.52
CA ASP A 265 -21.30 14.29 -27.07
C ASP A 265 -21.52 12.82 -26.64
N VAL A 266 -22.73 12.55 -26.19
CA VAL A 266 -23.13 11.23 -25.75
C VAL A 266 -22.80 10.14 -26.78
N GLU A 267 -23.20 10.37 -28.04
CA GLU A 267 -22.84 9.45 -29.15
C GLU A 267 -21.31 9.18 -29.26
N GLN A 268 -20.48 10.21 -29.25
CA GLN A 268 -19.03 9.97 -29.36
C GLN A 268 -18.48 9.18 -28.16
N VAL A 269 -19.03 9.42 -26.97
CA VAL A 269 -18.63 8.65 -25.80
C VAL A 269 -18.93 7.18 -26.03
N ARG A 270 -20.11 6.87 -26.54
CA ARG A 270 -20.49 5.44 -26.66
C ARG A 270 -19.59 4.70 -27.65
N LYS A 271 -19.16 5.46 -28.65
CA LYS A 271 -18.23 4.98 -29.66
C LYS A 271 -16.87 4.69 -29.01
N LEU A 272 -16.38 5.60 -28.16
CA LEU A 272 -15.12 5.41 -27.42
C LEU A 272 -15.27 4.19 -26.51
N ALA A 273 -16.46 4.02 -25.96
CA ALA A 273 -16.66 2.93 -24.99
C ALA A 273 -16.52 1.52 -25.62
N VAL A 274 -16.69 1.45 -26.94
CA VAL A 274 -16.88 0.16 -27.57
C VAL A 274 -15.69 -0.77 -27.39
N PRO A 275 -14.52 -0.29 -27.79
CA PRO A 275 -13.29 -1.06 -27.65
C PRO A 275 -12.90 -1.30 -26.20
N LEU A 276 -13.55 -0.64 -25.23
CA LEU A 276 -13.15 -0.78 -23.82
C LEU A 276 -14.25 -1.48 -23.07
N ILE A 277 -15.36 -1.65 -23.79
CA ILE A 277 -16.58 -2.20 -23.23
C ILE A 277 -16.39 -3.51 -22.41
N LYS A 278 -15.36 -4.29 -22.67
CA LYS A 278 -15.24 -5.56 -21.91
C LYS A 278 -14.70 -5.41 -20.48
N ASN A 279 -14.26 -4.20 -20.10
CA ASN A 279 -13.87 -3.99 -18.71
C ASN A 279 -14.49 -2.80 -17.97
N ASN A 280 -14.18 -2.69 -16.68
CA ASN A 280 -14.70 -1.60 -15.87
C ASN A 280 -14.54 -0.25 -16.57
N TYR A 281 -13.51 -0.11 -17.40
CA TYR A 281 -13.18 1.23 -17.92
C TYR A 281 -14.20 1.64 -19.01
N GLY A 282 -14.42 0.75 -19.96
CA GLY A 282 -15.52 0.97 -20.90
C GLY A 282 -16.87 1.16 -20.23
N GLN A 283 -17.16 0.33 -19.25
CA GLN A 283 -18.45 0.38 -18.56
C GLN A 283 -18.69 1.74 -17.87
N TYR A 284 -17.66 2.19 -17.19
CA TYR A 284 -17.69 3.49 -16.55
C TYR A 284 -17.99 4.53 -17.63
N LEU A 285 -17.34 4.47 -18.80
CA LEU A 285 -17.66 5.50 -19.79
C LEU A 285 -19.09 5.33 -20.22
N TYR A 286 -19.52 4.09 -20.37
CA TYR A 286 -20.83 3.84 -20.92
C TYR A 286 -21.89 4.30 -19.91
N LYS A 287 -21.73 3.90 -18.66
CA LYS A 287 -22.69 4.27 -17.60
C LYS A 287 -22.86 5.80 -17.48
N MET A 288 -21.90 6.56 -17.98
CA MET A 288 -22.10 7.98 -17.80
C MET A 288 -23.07 8.56 -18.78
N THR A 289 -23.39 7.81 -19.83
CA THR A 289 -24.36 8.32 -20.78
C THR A 289 -25.75 7.84 -20.33
N LYS A 290 -25.82 7.24 -19.14
CA LYS A 290 -27.07 6.63 -18.69
C LYS A 290 -27.89 7.61 -17.85
N ASP A 291 -26.95 7.43 -16.45
CA ASP A 291 -27.32 8.06 -15.18
C ASP A 291 -26.09 8.53 -14.40
N MET B 1 18.19 -40.22 -22.35
CA MET B 1 18.42 -38.83 -21.85
C MET B 1 17.71 -37.79 -22.73
N LYS B 2 17.03 -36.89 -22.03
CA LYS B 2 16.39 -35.74 -22.65
C LYS B 2 16.92 -34.56 -21.84
N MET B 3 16.70 -33.33 -22.30
CA MET B 3 16.82 -32.22 -21.37
C MET B 3 15.38 -31.72 -21.13
N ARG B 4 15.24 -30.69 -20.32
CA ARG B 4 13.98 -30.06 -20.04
C ARG B 4 14.02 -28.65 -20.69
N LYS B 5 13.28 -28.39 -21.77
CA LYS B 5 13.24 -27.01 -22.30
C LYS B 5 12.13 -26.08 -21.67
N GLY B 6 12.32 -24.76 -21.73
CA GLY B 6 11.37 -23.83 -21.09
C GLY B 6 10.51 -22.99 -21.99
N ILE B 7 9.27 -22.80 -21.57
CA ILE B 7 8.43 -21.99 -22.37
C ILE B 7 7.75 -21.00 -21.45
N ILE B 8 7.73 -19.75 -21.88
CA ILE B 8 7.02 -18.72 -21.18
C ILE B 8 5.97 -18.21 -22.11
N LEU B 9 4.74 -18.29 -21.67
CA LEU B 9 3.63 -17.88 -22.49
C LEU B 9 3.15 -16.54 -21.97
N ALA B 10 3.51 -15.50 -22.72
CA ALA B 10 3.25 -14.12 -22.32
C ALA B 10 2.42 -13.44 -23.39
N GLY B 11 1.31 -14.08 -23.77
CA GLY B 11 0.43 -13.58 -24.78
C GLY B 11 -0.80 -13.00 -24.15
N GLY B 12 -1.96 -13.19 -24.79
CA GLY B 12 -3.20 -12.72 -24.22
C GLY B 12 -3.73 -11.43 -24.82
N SER B 13 -5.05 -11.30 -24.77
CA SER B 13 -5.76 -10.12 -25.23
C SER B 13 -5.26 -8.91 -24.47
N GLY B 14 -5.33 -9.00 -23.14
CA GLY B 14 -5.09 -7.84 -22.32
C GLY B 14 -6.28 -6.91 -22.07
N THR B 15 -7.49 -7.35 -22.44
CA THR B 15 -8.69 -6.51 -22.36
C THR B 15 -9.01 -6.16 -20.93
N ARG B 16 -8.87 -7.12 -20.03
CA ARG B 16 -9.20 -6.83 -18.64
C ARG B 16 -8.51 -5.57 -18.15
N LEU B 17 -7.32 -5.27 -18.67
CA LEU B 17 -6.56 -4.12 -18.18
C LEU B 17 -6.55 -2.87 -19.10
N TYR B 18 -7.39 -2.85 -20.15
CA TYR B 18 -7.43 -1.65 -21.03
C TYR B 18 -7.74 -0.43 -20.18
N PRO B 19 -7.18 0.73 -20.53
CA PRO B 19 -6.23 0.90 -21.62
C PRO B 19 -4.74 0.83 -21.21
N VAL B 20 -4.44 0.36 -20.02
CA VAL B 20 -3.04 0.27 -19.62
C VAL B 20 -2.33 -0.56 -20.64
N THR B 21 -3.01 -1.62 -21.07
CA THR B 21 -2.38 -2.58 -21.92
C THR B 21 -2.65 -2.29 -23.37
N MET B 22 -3.17 -1.10 -23.65
CA MET B 22 -3.12 -0.59 -25.04
C MET B 22 -1.78 0.14 -25.27
N ALA B 23 -1.16 0.62 -24.18
CA ALA B 23 0.15 1.28 -24.27
C ALA B 23 1.29 0.27 -24.09
N VAL B 24 1.11 -0.61 -23.12
CA VAL B 24 2.13 -1.54 -22.70
C VAL B 24 1.59 -2.97 -22.61
N SER B 25 2.34 -3.94 -23.15
CA SER B 25 2.10 -5.37 -22.88
C SER B 25 1.99 -5.70 -21.39
N LYS B 26 1.00 -6.49 -21.00
CA LYS B 26 0.85 -6.76 -19.58
C LYS B 26 2.16 -7.23 -18.94
N GLN B 27 2.86 -8.13 -19.64
CA GLN B 27 4.02 -8.82 -19.05
C GLN B 27 5.28 -7.94 -19.08
N LEU B 28 5.16 -6.74 -19.65
CA LEU B 28 6.20 -5.73 -19.53
C LEU B 28 5.88 -4.73 -18.41
N LEU B 29 4.70 -4.82 -17.78
CA LEU B 29 4.40 -3.89 -16.69
C LEU B 29 5.36 -4.07 -15.52
N PRO B 30 5.72 -2.99 -14.87
CA PRO B 30 6.60 -3.05 -13.69
C PRO B 30 5.93 -3.75 -12.50
N ILE B 31 6.64 -4.70 -11.88
CA ILE B 31 6.30 -5.18 -10.55
C ILE B 31 7.44 -4.64 -9.70
N TYR B 32 7.09 -3.54 -9.06
CA TYR B 32 8.01 -2.72 -8.34
C TYR B 32 9.18 -2.20 -9.19
N ASP B 33 10.28 -2.94 -9.24
CA ASP B 33 11.52 -2.46 -9.84
C ASP B 33 11.97 -3.21 -11.12
N LYS B 34 11.13 -4.06 -11.69
CA LYS B 34 11.53 -4.77 -12.90
C LYS B 34 10.29 -5.23 -13.69
N PRO B 35 10.43 -5.46 -14.98
CA PRO B 35 9.33 -6.00 -15.78
C PRO B 35 8.79 -7.37 -15.25
N MET B 36 7.47 -7.49 -15.24
CA MET B 36 6.76 -8.66 -14.77
C MET B 36 7.40 -9.94 -15.30
N ILE B 37 7.75 -10.00 -16.59
CA ILE B 37 8.29 -11.25 -17.15
C ILE B 37 9.58 -11.77 -16.50
N TYR B 38 10.35 -10.89 -15.86
CA TYR B 38 11.54 -11.27 -15.09
C TYR B 38 11.20 -12.28 -14.01
N TYR B 39 9.97 -12.30 -13.53
CA TYR B 39 9.66 -13.20 -12.40
C TYR B 39 9.61 -14.68 -12.84
N PRO B 40 8.71 -14.94 -13.76
CA PRO B 40 8.51 -16.29 -14.32
C PRO B 40 9.79 -16.69 -15.09
N LEU B 41 10.50 -15.74 -15.69
CA LEU B 41 11.78 -16.11 -16.28
C LEU B 41 12.60 -16.63 -15.13
N SER B 42 12.64 -15.87 -14.06
CA SER B 42 13.53 -16.23 -12.97
C SER B 42 13.15 -17.57 -12.38
N THR B 43 11.87 -17.91 -12.50
CA THR B 43 11.41 -19.17 -11.97
C THR B 43 12.00 -20.33 -12.77
N LEU B 44 12.02 -20.21 -14.10
CA LEU B 44 12.63 -21.26 -14.92
C LEU B 44 14.10 -21.42 -14.59
N MET B 45 14.78 -20.29 -14.38
CA MET B 45 16.21 -20.33 -14.09
C MET B 45 16.42 -21.08 -12.79
N LEU B 46 15.58 -20.81 -11.80
CA LEU B 46 15.82 -21.43 -10.53
C LEU B 46 15.63 -22.95 -10.65
N ALA B 47 14.85 -23.37 -11.64
CA ALA B 47 14.63 -24.78 -11.86
C ALA B 47 15.77 -25.40 -12.69
N GLY B 48 16.72 -24.56 -13.10
CA GLY B 48 17.89 -24.99 -13.84
C GLY B 48 17.81 -25.04 -15.37
N ILE B 49 16.77 -24.44 -15.92
CA ILE B 49 16.43 -24.44 -17.35
C ILE B 49 16.99 -23.19 -18.04
N ARG B 50 17.93 -23.39 -18.97
CA ARG B 50 18.69 -22.28 -19.58
C ARG B 50 18.34 -22.03 -21.02
N ASP B 51 17.44 -22.84 -21.54
CA ASP B 51 17.09 -22.79 -22.94
C ASP B 51 15.59 -22.56 -22.98
N ILE B 52 15.17 -21.37 -23.34
CA ILE B 52 13.81 -20.91 -23.12
C ILE B 52 13.20 -20.25 -24.35
N LEU B 53 11.97 -20.64 -24.68
CA LEU B 53 11.22 -20.08 -25.79
C LEU B 53 10.14 -19.12 -25.23
N ILE B 54 10.12 -17.86 -25.73
CA ILE B 54 9.12 -16.89 -25.27
C ILE B 54 8.01 -16.72 -26.31
N ILE B 55 6.77 -16.93 -25.91
CA ILE B 55 5.70 -16.75 -26.85
C ILE B 55 4.86 -15.54 -26.51
N SER B 56 4.57 -14.74 -27.51
CA SER B 56 3.73 -13.58 -27.24
C SER B 56 2.95 -13.17 -28.48
N THR B 57 2.22 -12.07 -28.39
CA THR B 57 1.42 -11.67 -29.53
C THR B 57 2.32 -11.18 -30.66
N PRO B 58 1.72 -11.04 -31.82
CA PRO B 58 2.41 -10.46 -32.96
C PRO B 58 2.87 -9.03 -32.65
N GLN B 59 2.05 -8.29 -31.95
CA GLN B 59 2.43 -6.90 -31.66
C GLN B 59 3.44 -6.88 -30.55
N ASP B 60 3.32 -7.79 -29.59
CA ASP B 60 4.13 -7.66 -28.38
C ASP B 60 5.46 -8.38 -28.42
N THR B 61 5.53 -9.39 -29.28
CA THR B 61 6.65 -10.30 -29.22
C THR B 61 7.99 -9.62 -29.51
N PRO B 62 7.99 -8.64 -30.41
CA PRO B 62 9.22 -7.86 -30.70
C PRO B 62 9.64 -6.98 -29.51
N ARG B 63 8.68 -6.52 -28.74
CA ARG B 63 9.01 -5.76 -27.52
C ARG B 63 9.79 -6.63 -26.50
N PHE B 64 9.36 -7.87 -26.30
CA PHE B 64 10.06 -8.75 -25.36
C PHE B 64 11.45 -9.00 -25.85
N GLN B 65 11.55 -9.03 -27.17
CA GLN B 65 12.82 -9.37 -27.81
C GLN B 65 13.74 -8.17 -27.71
N GLN B 66 13.18 -6.97 -27.45
CA GLN B 66 13.99 -5.74 -27.37
C GLN B 66 14.51 -5.70 -26.00
N LEU B 67 13.70 -6.21 -25.10
CA LEU B 67 14.08 -6.24 -23.71
C LEU B 67 15.15 -7.31 -23.43
N LEU B 68 14.89 -8.54 -23.86
CA LEU B 68 15.69 -9.67 -23.37
C LEU B 68 16.76 -10.11 -24.35
N GLY B 69 16.56 -9.91 -25.63
CA GLY B 69 17.58 -10.35 -26.58
C GLY B 69 17.63 -11.88 -26.64
N ASP B 70 18.84 -12.42 -26.76
CA ASP B 70 19.04 -13.87 -26.96
C ASP B 70 19.32 -14.60 -25.66
N GLY B 71 19.41 -13.84 -24.56
CA GLY B 71 19.64 -14.40 -23.25
C GLY B 71 21.09 -14.61 -22.85
N SER B 72 22.00 -14.43 -23.80
CA SER B 72 23.40 -14.86 -23.61
C SER B 72 24.06 -14.05 -22.55
N GLN B 73 23.74 -12.76 -22.51
CA GLN B 73 24.29 -11.92 -21.44
C GLN B 73 24.05 -12.52 -20.03
N TRP B 74 23.13 -13.48 -19.89
CA TRP B 74 22.85 -14.08 -18.58
C TRP B 74 23.15 -15.58 -18.64
N GLY B 75 23.87 -15.99 -19.68
CA GLY B 75 24.15 -17.41 -19.87
C GLY B 75 22.92 -18.28 -20.17
N LEU B 76 21.94 -17.68 -20.86
CA LEU B 76 20.76 -18.41 -21.30
C LEU B 76 20.70 -18.35 -22.81
N ASN B 77 19.80 -19.15 -23.37
CA ASN B 77 19.47 -19.03 -24.78
C ASN B 77 17.99 -18.79 -24.95
N LEU B 78 17.60 -17.62 -25.46
CA LEU B 78 16.18 -17.29 -25.54
C LEU B 78 15.81 -17.25 -26.99
N GLN B 79 14.65 -17.78 -27.33
CA GLN B 79 14.12 -17.67 -28.69
C GLN B 79 12.71 -17.12 -28.56
N TYR B 80 12.13 -16.78 -29.69
CA TYR B 80 10.84 -16.14 -29.69
C TYR B 80 9.92 -16.72 -30.78
N LYS B 81 8.69 -16.97 -30.42
CA LYS B 81 7.65 -17.31 -31.39
C LYS B 81 6.31 -16.63 -31.08
N VAL B 82 5.55 -16.38 -32.13
CA VAL B 82 4.28 -15.68 -32.08
C VAL B 82 3.10 -16.64 -31.99
N GLN B 83 2.16 -16.32 -31.08
CA GLN B 83 0.82 -16.91 -30.99
C GLN B 83 -0.17 -15.91 -31.66
N PRO B 84 -0.66 -16.19 -32.87
CA PRO B 84 -1.49 -15.21 -33.62
C PRO B 84 -2.74 -14.71 -32.87
N SER B 85 -3.50 -15.59 -32.22
CA SER B 85 -4.61 -15.21 -31.34
C SER B 85 -4.52 -16.04 -30.05
N PRO B 86 -5.05 -15.49 -28.97
CA PRO B 86 -5.01 -16.17 -27.68
C PRO B 86 -6.00 -17.32 -27.69
N ASP B 87 -5.70 -18.31 -28.53
CA ASP B 87 -6.63 -19.41 -28.72
C ASP B 87 -6.56 -20.47 -27.61
N GLY B 88 -5.72 -20.26 -26.60
CA GLY B 88 -5.58 -21.27 -25.55
C GLY B 88 -4.16 -21.62 -25.08
N LEU B 89 -4.06 -21.83 -23.78
CA LEU B 89 -2.79 -22.16 -23.15
C LEU B 89 -2.09 -23.28 -23.89
N ALA B 90 -2.84 -24.30 -24.28
CA ALA B 90 -2.21 -25.53 -24.75
C ALA B 90 -1.66 -25.38 -26.17
N GLN B 91 -2.05 -24.27 -26.80
CA GLN B 91 -1.49 -23.96 -28.09
C GLN B 91 -0.01 -23.75 -27.91
N ALA B 92 0.40 -23.33 -26.72
CA ALA B 92 1.83 -23.10 -26.48
C ALA B 92 2.59 -24.30 -27.03
N PHE B 93 2.03 -25.49 -26.85
CA PHE B 93 2.82 -26.65 -27.21
C PHE B 93 2.79 -26.93 -28.70
N ILE B 94 1.77 -26.45 -29.41
CA ILE B 94 1.74 -26.56 -30.88
C ILE B 94 2.75 -25.57 -31.41
N ILE B 95 2.73 -24.37 -30.85
CA ILE B 95 3.66 -23.35 -31.33
C ILE B 95 5.10 -23.74 -31.06
N GLY B 96 5.34 -24.37 -29.92
CA GLY B 96 6.70 -24.73 -29.55
C GLY B 96 7.20 -26.09 -30.02
N GLU B 97 6.42 -26.77 -30.87
CA GLU B 97 6.77 -28.13 -31.33
C GLU B 97 8.20 -28.24 -31.85
N GLU B 98 8.58 -27.41 -32.82
CA GLU B 98 9.93 -27.45 -33.38
C GLU B 98 10.97 -27.15 -32.31
N PHE B 99 10.66 -26.22 -31.39
CA PHE B 99 11.53 -25.92 -30.25
C PHE B 99 11.70 -27.12 -29.26
N ILE B 100 10.62 -27.62 -28.67
CA ILE B 100 10.70 -28.79 -27.77
C ILE B 100 11.39 -30.03 -28.35
N GLY B 101 11.23 -30.28 -29.65
CA GLY B 101 11.86 -31.44 -30.26
C GLY B 101 11.41 -32.68 -29.51
N GLY B 102 12.36 -33.53 -29.17
CA GLY B 102 11.98 -34.70 -28.41
C GLY B 102 12.06 -34.54 -26.90
N ASP B 103 12.25 -33.33 -26.35
CA ASP B 103 12.57 -33.25 -24.91
C ASP B 103 11.41 -33.03 -23.97
N ASP B 104 11.73 -33.02 -22.69
CA ASP B 104 10.80 -32.56 -21.71
C ASP B 104 10.66 -30.99 -21.83
N CYS B 105 9.61 -30.40 -21.19
CA CYS B 105 9.09 -29.02 -21.40
C CYS B 105 8.81 -28.49 -19.98
N ALA B 106 8.82 -27.17 -19.82
CA ALA B 106 8.12 -26.56 -18.68
C ALA B 106 7.51 -25.27 -19.16
N LEU B 107 6.24 -25.07 -18.85
CA LEU B 107 5.53 -23.91 -19.30
C LEU B 107 5.22 -23.11 -18.06
N VAL B 108 5.61 -21.85 -18.11
CA VAL B 108 5.21 -20.92 -17.06
C VAL B 108 4.55 -19.74 -17.75
N LEU B 109 3.47 -19.27 -17.15
CA LEU B 109 2.74 -18.16 -17.72
C LEU B 109 3.52 -16.90 -17.44
N GLY B 110 3.49 -15.98 -18.39
CA GLY B 110 4.12 -14.68 -18.29
C GLY B 110 3.65 -13.79 -17.14
N ASP B 111 2.49 -14.03 -16.54
CA ASP B 111 2.15 -13.18 -15.41
C ASP B 111 2.20 -13.88 -14.05
N ASN B 112 2.93 -14.98 -13.95
CA ASN B 112 2.92 -15.74 -12.73
C ASN B 112 4.15 -15.43 -11.91
N ILE B 113 3.89 -15.14 -10.65
CA ILE B 113 4.89 -14.68 -9.76
C ILE B 113 4.85 -15.56 -8.53
N PHE B 114 5.91 -16.33 -8.37
CA PHE B 114 6.09 -17.24 -7.26
C PHE B 114 7.19 -16.68 -6.34
N TYR B 115 6.95 -16.72 -5.03
CA TYR B 115 8.00 -16.41 -4.07
C TYR B 115 7.87 -17.17 -2.73
N GLY B 116 9.01 -17.60 -2.20
CA GLY B 116 9.06 -18.29 -0.93
C GLY B 116 10.26 -19.22 -0.70
N HIS B 117 10.50 -19.55 0.57
CA HIS B 117 11.62 -20.44 0.95
C HIS B 117 11.65 -21.80 0.27
N ASP B 118 12.80 -22.19 -0.26
CA ASP B 118 13.02 -23.52 -0.85
C ASP B 118 12.17 -23.77 -2.11
N LEU B 119 11.82 -22.69 -2.78
CA LEU B 119 11.13 -22.86 -4.04
C LEU B 119 11.79 -23.93 -4.93
N PRO B 120 13.09 -23.85 -5.15
CA PRO B 120 13.75 -24.78 -6.08
C PRO B 120 13.61 -26.22 -5.60
N LYS B 121 13.78 -26.47 -4.31
CA LYS B 121 13.54 -27.80 -3.78
C LYS B 121 12.05 -28.18 -3.98
N LEU B 122 11.14 -27.22 -3.91
CA LEU B 122 9.75 -27.56 -4.28
C LEU B 122 9.61 -28.05 -5.74
N MET B 123 10.35 -27.45 -6.67
CA MET B 123 10.25 -27.86 -8.06
C MET B 123 11.09 -29.15 -8.40
N GLU B 124 11.92 -29.58 -7.46
CA GLU B 124 12.90 -30.63 -7.75
C GLU B 124 12.31 -31.96 -8.26
N ALA B 125 11.49 -32.64 -7.50
CA ALA B 125 10.84 -33.83 -8.06
C ALA B 125 10.26 -33.57 -9.46
N ALA B 126 9.61 -32.42 -9.63
CA ALA B 126 9.01 -32.18 -10.91
C ALA B 126 10.11 -32.16 -11.94
N VAL B 127 11.21 -31.48 -11.63
CA VAL B 127 12.23 -31.31 -12.65
C VAL B 127 12.82 -32.66 -13.05
N ASN B 128 12.94 -33.55 -12.07
CA ASN B 128 13.60 -34.83 -12.22
C ASN B 128 12.67 -35.96 -12.62
N LYS B 129 11.37 -35.69 -12.72
CA LYS B 129 10.45 -36.73 -13.12
C LYS B 129 10.74 -37.11 -14.55
N GLU B 130 10.70 -38.42 -14.83
CA GLU B 130 11.14 -38.98 -16.10
C GLU B 130 9.97 -39.17 -17.06
N SER B 131 8.79 -39.32 -16.49
CA SER B 131 7.61 -39.62 -17.27
C SER B 131 6.32 -39.09 -16.57
N GLY B 132 5.42 -38.51 -17.34
CA GLY B 132 4.21 -37.93 -16.78
C GLY B 132 4.27 -36.41 -16.79
N ALA B 133 3.57 -35.82 -15.84
CA ALA B 133 3.40 -34.38 -15.75
C ALA B 133 3.31 -33.94 -14.26
N THR B 134 3.78 -32.73 -13.96
CA THR B 134 3.65 -32.19 -12.59
C THR B 134 3.04 -30.76 -12.63
N VAL B 135 1.97 -30.58 -11.86
CA VAL B 135 1.36 -29.30 -11.60
C VAL B 135 1.37 -29.11 -10.11
N PHE B 136 0.92 -27.92 -9.75
CA PHE B 136 1.08 -27.33 -8.40
C PHE B 136 -0.25 -26.73 -8.03
N ALA B 137 -0.72 -27.09 -6.82
CA ALA B 137 -2.04 -26.76 -6.26
C ALA B 137 -1.90 -25.72 -5.18
N TYR B 138 -2.72 -24.70 -5.20
CA TYR B 138 -2.55 -23.61 -4.24
C TYR B 138 -3.91 -23.17 -3.75
N HIS B 139 -4.05 -23.09 -2.44
CA HIS B 139 -5.31 -22.71 -1.86
C HIS B 139 -5.58 -21.22 -2.09
N VAL B 140 -6.67 -20.88 -2.77
CA VAL B 140 -7.05 -19.48 -3.03
C VAL B 140 -8.45 -19.29 -2.57
N ASN B 141 -8.90 -18.05 -2.53
CA ASN B 141 -10.26 -17.85 -2.13
C ASN B 141 -11.23 -17.72 -3.29
N ASP B 142 -10.73 -17.71 -4.51
CA ASP B 142 -11.67 -17.62 -5.63
C ASP B 142 -11.35 -18.67 -6.71
N PRO B 143 -11.52 -19.93 -6.35
CA PRO B 143 -11.15 -21.05 -7.21
C PRO B 143 -11.86 -20.99 -8.53
N GLU B 144 -13.03 -20.36 -8.56
CA GLU B 144 -13.78 -20.33 -9.82
C GLU B 144 -13.00 -19.67 -10.97
N ARG B 145 -11.83 -19.08 -10.68
CA ARG B 145 -11.13 -18.32 -11.71
C ARG B 145 -10.15 -19.21 -12.49
N TYR B 146 -9.78 -20.34 -11.89
CA TYR B 146 -8.71 -21.19 -12.37
C TYR B 146 -9.15 -22.64 -12.63
N GLY B 147 -8.21 -23.47 -13.07
CA GLY B 147 -8.46 -24.89 -13.02
C GLY B 147 -8.42 -25.34 -11.57
N VAL B 148 -9.37 -26.15 -11.16
CA VAL B 148 -9.52 -26.56 -9.76
C VAL B 148 -9.31 -28.07 -9.66
N VAL B 149 -8.52 -28.48 -8.69
CA VAL B 149 -8.23 -29.87 -8.55
C VAL B 149 -8.90 -30.32 -7.28
N GLU B 150 -9.62 -31.43 -7.40
CA GLU B 150 -10.38 -32.09 -6.35
C GLU B 150 -9.59 -33.22 -5.72
N PHE B 151 -9.61 -33.30 -4.40
CA PHE B 151 -8.85 -34.29 -3.68
C PHE B 151 -9.81 -35.20 -2.91
N ASP B 152 -9.41 -36.44 -2.71
CA ASP B 152 -10.24 -37.39 -2.01
C ASP B 152 -9.87 -37.45 -0.55
N LYS B 153 -10.65 -38.21 0.22
CA LYS B 153 -10.46 -38.25 1.66
C LYS B 153 -8.96 -38.39 2.00
N ASN B 154 -8.20 -39.01 1.10
CA ASN B 154 -6.80 -39.28 1.38
C ASN B 154 -5.80 -38.22 0.92
N GLY B 155 -6.30 -37.24 0.17
CA GLY B 155 -5.46 -36.16 -0.34
C GLY B 155 -4.92 -36.53 -1.70
N THR B 156 -5.65 -37.38 -2.39
CA THR B 156 -5.18 -37.79 -3.70
C THR B 156 -5.94 -37.08 -4.80
N ALA B 157 -5.21 -36.56 -5.77
CA ALA B 157 -5.84 -35.92 -6.92
C ALA B 157 -6.87 -36.87 -7.52
N ILE B 158 -8.03 -36.33 -7.87
CA ILE B 158 -9.16 -37.14 -8.29
C ILE B 158 -9.92 -36.47 -9.42
N SER B 159 -9.84 -35.15 -9.53
CA SER B 159 -10.39 -34.49 -10.71
C SER B 159 -9.84 -33.09 -10.92
N LEU B 160 -10.14 -32.55 -12.10
CA LEU B 160 -9.78 -31.20 -12.45
C LEU B 160 -10.86 -30.63 -13.28
N GLU B 161 -11.21 -29.40 -13.01
CA GLU B 161 -12.20 -28.73 -13.84
C GLU B 161 -11.74 -27.32 -14.04
N GLU B 162 -12.00 -26.79 -15.23
CA GLU B 162 -11.62 -25.46 -15.61
C GLU B 162 -12.75 -24.46 -15.27
N LYS B 163 -12.44 -23.45 -14.45
CA LYS B 163 -13.38 -22.33 -14.21
C LYS B 163 -14.80 -22.80 -13.94
N PRO B 164 -14.92 -23.76 -13.04
CA PRO B 164 -16.22 -24.37 -12.73
C PRO B 164 -17.10 -23.43 -11.92
N LEU B 165 -18.42 -23.62 -12.03
CA LEU B 165 -19.35 -22.76 -11.34
C LEU B 165 -19.52 -23.17 -9.90
N GLU B 166 -19.36 -24.46 -9.65
CA GLU B 166 -19.44 -25.01 -8.31
C GLU B 166 -18.15 -25.78 -7.97
N PRO B 167 -17.11 -25.02 -7.65
CA PRO B 167 -15.80 -25.59 -7.38
C PRO B 167 -15.84 -26.70 -6.35
N LYS B 168 -15.14 -27.78 -6.67
CA LYS B 168 -15.11 -28.87 -5.76
C LYS B 168 -14.01 -28.73 -4.73
N SER B 169 -13.33 -27.58 -4.75
CA SER B 169 -12.33 -27.26 -3.71
C SER B 169 -11.77 -25.85 -3.83
N ASN B 170 -10.84 -25.51 -2.95
CA ASN B 170 -10.28 -24.14 -3.00
C ASN B 170 -8.87 -24.17 -3.48
N TYR B 171 -8.48 -25.30 -4.07
CA TYR B 171 -7.16 -25.46 -4.65
C TYR B 171 -7.08 -25.12 -6.16
N ALA B 172 -6.43 -24.01 -6.51
CA ALA B 172 -6.23 -23.70 -7.93
C ALA B 172 -4.96 -24.37 -8.46
N VAL B 173 -4.97 -24.64 -9.77
CA VAL B 173 -3.79 -25.08 -10.50
C VAL B 173 -2.98 -23.85 -10.90
N THR B 174 -1.81 -23.79 -10.36
CA THR B 174 -0.78 -22.81 -10.62
C THR B 174 -0.40 -22.66 -12.11
N GLY B 175 0.20 -21.52 -12.44
CA GLY B 175 0.52 -21.23 -13.82
C GLY B 175 1.90 -21.75 -14.23
N LEU B 176 2.34 -22.82 -13.58
CA LEU B 176 3.63 -23.41 -13.91
C LEU B 176 3.48 -24.92 -14.01
N TYR B 177 3.83 -25.45 -15.17
CA TYR B 177 3.57 -26.87 -15.49
C TYR B 177 4.83 -27.58 -16.00
N PHE B 178 4.98 -28.84 -15.65
CA PHE B 178 6.10 -29.67 -16.09
C PHE B 178 5.56 -30.92 -16.80
N TYR B 179 6.13 -31.21 -17.98
CA TYR B 179 5.61 -32.24 -18.91
C TYR B 179 6.72 -33.04 -19.55
N ASP B 180 6.45 -34.31 -19.81
CA ASP B 180 7.40 -35.11 -20.55
C ASP B 180 7.10 -34.83 -22.02
N ASN B 181 7.59 -35.68 -22.93
CA ASN B 181 7.56 -35.32 -24.35
C ASN B 181 6.26 -35.67 -25.03
N ASP B 182 5.40 -36.32 -24.25
CA ASP B 182 4.05 -36.64 -24.68
C ASP B 182 3.11 -35.43 -24.93
N VAL B 183 3.36 -34.30 -24.28
CA VAL B 183 2.40 -33.18 -24.31
C VAL B 183 2.11 -32.54 -25.71
N VAL B 184 3.12 -32.43 -26.57
CA VAL B 184 2.94 -31.83 -27.89
C VAL B 184 1.86 -32.58 -28.66
N GLN B 185 1.97 -33.89 -28.75
CA GLN B 185 0.99 -34.63 -29.51
C GLN B 185 -0.35 -34.54 -28.84
N MET B 186 -0.37 -34.54 -27.51
CA MET B 186 -1.63 -34.38 -26.83
C MET B 186 -2.23 -33.05 -27.23
N ALA B 187 -1.38 -32.03 -27.30
CA ALA B 187 -1.94 -30.73 -27.59
C ALA B 187 -2.45 -30.71 -29.05
N LYS B 188 -1.81 -31.44 -29.93
CA LYS B 188 -2.16 -31.38 -31.34
C LYS B 188 -3.46 -32.14 -31.60
N ASN B 189 -3.81 -33.01 -30.66
CA ASN B 189 -5.02 -33.82 -30.76
C ASN B 189 -6.24 -33.27 -30.01
N LEU B 190 -6.08 -32.10 -29.39
CA LEU B 190 -7.14 -31.40 -28.67
C LEU B 190 -8.18 -30.78 -29.58
N LYS B 191 -9.44 -30.86 -29.18
CA LYS B 191 -10.42 -30.06 -29.85
C LYS B 191 -10.80 -28.96 -28.88
N PRO B 192 -11.04 -27.79 -29.43
CA PRO B 192 -11.30 -26.58 -28.64
C PRO B 192 -12.53 -26.75 -27.75
N SER B 193 -12.55 -26.12 -26.59
CA SER B 193 -13.75 -26.18 -25.75
C SER B 193 -14.97 -25.44 -26.35
N ALA B 194 -16.08 -25.55 -25.67
CA ALA B 194 -17.28 -24.82 -26.02
C ALA B 194 -16.95 -23.35 -26.15
N ARG B 195 -16.14 -22.86 -25.22
CA ARG B 195 -15.79 -21.45 -25.21
C ARG B 195 -14.75 -21.13 -26.29
N GLY B 196 -14.35 -22.17 -27.03
CA GLY B 196 -13.44 -22.02 -28.16
C GLY B 196 -11.97 -21.86 -27.82
N GLU B 197 -11.48 -22.59 -26.82
CA GLU B 197 -10.09 -22.43 -26.39
C GLU B 197 -9.40 -23.78 -26.21
N LEU B 198 -8.21 -23.95 -26.76
CA LEU B 198 -7.45 -25.15 -26.55
C LEU B 198 -6.96 -25.18 -25.07
N GLU B 199 -7.63 -25.97 -24.24
CA GLU B 199 -7.43 -25.94 -22.81
C GLU B 199 -6.26 -26.77 -22.30
N ILE B 200 -5.38 -26.14 -21.51
CA ILE B 200 -4.39 -26.88 -20.76
C ILE B 200 -4.99 -27.78 -19.70
N THR B 201 -6.11 -27.36 -19.10
CA THR B 201 -6.81 -28.24 -18.17
C THR B 201 -7.20 -29.61 -18.79
N ASP B 202 -7.56 -29.64 -20.08
CA ASP B 202 -7.89 -30.94 -20.72
C ASP B 202 -6.62 -31.81 -20.88
N ILE B 203 -5.45 -31.16 -21.07
CA ILE B 203 -4.20 -31.90 -21.13
C ILE B 203 -3.95 -32.55 -19.75
N ASN B 204 -4.13 -31.79 -18.67
CA ASN B 204 -3.79 -32.30 -17.33
C ASN B 204 -4.72 -33.44 -16.86
N ARG B 205 -5.95 -33.38 -17.35
CA ARG B 205 -6.95 -34.37 -17.03
C ARG B 205 -6.56 -35.69 -17.74
N ILE B 206 -6.06 -35.57 -18.96
CA ILE B 206 -5.64 -36.70 -19.75
C ILE B 206 -4.54 -37.41 -18.97
N TYR B 207 -3.48 -36.67 -18.69
CA TYR B 207 -2.44 -37.17 -17.81
C TYR B 207 -3.05 -37.72 -16.52
N LEU B 208 -4.09 -37.05 -16.05
CA LEU B 208 -4.69 -37.43 -14.78
C LEU B 208 -5.27 -38.81 -14.99
N GLU B 209 -6.09 -38.89 -16.02
CA GLU B 209 -6.78 -40.12 -16.32
C GLU B 209 -5.84 -41.28 -16.62
N GLN B 210 -4.59 -40.99 -17.00
CA GLN B 210 -3.61 -42.06 -17.26
C GLN B 210 -2.90 -42.46 -15.99
N GLY B 211 -3.07 -41.71 -14.91
CA GLY B 211 -2.34 -42.03 -13.69
C GLY B 211 -0.92 -41.47 -13.68
N ARG B 212 -0.71 -40.47 -14.49
CA ARG B 212 0.64 -39.97 -14.73
C ARG B 212 0.76 -38.50 -14.32
N LEU B 213 -0.22 -38.05 -13.53
CA LEU B 213 -0.25 -36.67 -13.06
C LEU B 213 0.15 -36.57 -11.60
N SER B 214 1.32 -35.99 -11.32
CA SER B 214 1.68 -35.66 -9.96
C SER B 214 1.06 -34.25 -9.67
N VAL B 215 0.30 -34.13 -8.62
CA VAL B 215 -0.07 -32.81 -8.21
C VAL B 215 0.51 -32.50 -6.85
N ALA B 216 1.45 -31.56 -6.89
CA ALA B 216 2.26 -31.18 -5.74
C ALA B 216 1.65 -29.96 -5.03
N LEU B 217 1.69 -30.01 -3.71
CA LEU B 217 1.06 -28.94 -2.94
C LEU B 217 2.05 -27.78 -2.67
N MET B 218 1.68 -26.58 -3.15
CA MET B 218 2.42 -25.36 -2.84
C MET B 218 1.78 -24.75 -1.59
N GLY B 219 2.43 -24.91 -0.44
CA GLY B 219 1.89 -24.48 0.86
C GLY B 219 1.63 -22.99 1.08
N ARG B 220 0.81 -22.66 2.08
CA ARG B 220 0.47 -21.26 2.39
C ARG B 220 1.67 -20.39 2.74
N GLY B 221 2.78 -21.04 3.05
CA GLY B 221 4.00 -20.33 3.35
C GLY B 221 4.56 -19.68 2.08
N TYR B 222 4.10 -20.13 0.90
CA TYR B 222 4.54 -19.53 -0.36
C TYR B 222 3.64 -18.39 -0.82
N ALA B 223 4.17 -17.46 -1.62
CA ALA B 223 3.29 -16.46 -2.17
C ALA B 223 3.10 -16.73 -3.66
N TRP B 224 1.86 -16.68 -4.16
CA TRP B 224 1.55 -16.79 -5.60
C TRP B 224 0.73 -15.54 -6.00
N LEU B 225 1.42 -14.48 -6.41
CA LEU B 225 0.87 -13.12 -6.39
C LEU B 225 -0.11 -12.86 -7.49
N ASP B 226 -1.29 -12.37 -7.16
CA ASP B 226 -2.31 -12.14 -8.20
C ASP B 226 -1.99 -10.96 -9.16
N THR B 227 -2.05 -11.16 -10.47
CA THR B 227 -1.91 -10.02 -11.40
C THR B 227 -3.10 -9.85 -12.33
N GLY B 228 -4.26 -10.35 -11.92
CA GLY B 228 -5.43 -10.24 -12.76
C GLY B 228 -6.03 -8.83 -12.90
N THR B 229 -6.01 -8.01 -11.83
CA THR B 229 -6.62 -6.68 -11.86
C THR B 229 -5.55 -5.60 -11.58
N HIS B 230 -5.88 -4.34 -11.89
CA HIS B 230 -5.01 -3.22 -11.55
C HIS B 230 -4.75 -3.23 -10.06
N GLN B 231 -5.76 -3.61 -9.30
CA GLN B 231 -5.57 -3.50 -7.88
C GLN B 231 -4.62 -4.63 -7.39
N SER B 232 -4.62 -5.77 -8.06
CA SER B 232 -3.77 -6.87 -7.59
C SER B 232 -2.33 -6.64 -8.11
N LEU B 233 -2.23 -5.86 -9.19
CA LEU B 233 -0.96 -5.39 -9.70
C LEU B 233 -0.20 -4.51 -8.67
N ILE B 234 -0.90 -3.53 -8.09
CA ILE B 234 -0.27 -2.65 -7.09
C ILE B 234 0.12 -3.45 -5.85
N GLU B 235 -0.73 -4.39 -5.46
CA GLU B 235 -0.41 -5.25 -4.31
C GLU B 235 0.83 -6.12 -4.64
N ALA B 236 0.97 -6.63 -5.88
CA ALA B 236 2.16 -7.45 -6.18
C ALA B 236 3.37 -6.59 -6.04
N SER B 237 3.26 -5.37 -6.55
CA SER B 237 4.41 -4.45 -6.53
C SER B 237 4.73 -3.99 -5.14
N ASN B 238 3.69 -3.77 -4.34
CA ASN B 238 3.93 -3.46 -2.93
C ASN B 238 4.48 -4.61 -2.12
N PHE B 239 4.08 -5.81 -2.52
CA PHE B 239 4.56 -7.02 -1.83
C PHE B 239 6.06 -7.15 -2.05
N ILE B 240 6.46 -7.08 -3.32
CA ILE B 240 7.90 -7.18 -3.64
C ILE B 240 8.70 -6.04 -3.00
N ALA B 241 8.23 -4.80 -3.19
CA ALA B 241 8.91 -3.65 -2.56
C ALA B 241 9.11 -3.91 -1.07
N THR B 242 8.08 -4.26 -0.33
CA THR B 242 8.32 -4.48 1.11
C THR B 242 9.45 -5.54 1.36
N ILE B 243 9.43 -6.66 0.65
CA ILE B 243 10.49 -7.62 0.82
C ILE B 243 11.81 -6.98 0.56
N GLU B 244 11.94 -6.38 -0.62
CA GLU B 244 13.24 -5.88 -1.10
C GLU B 244 13.82 -4.77 -0.24
N GLU B 245 12.96 -3.93 0.33
CA GLU B 245 13.48 -2.81 1.05
C GLU B 245 13.86 -3.23 2.46
N ARG B 246 13.25 -4.27 2.98
CA ARG B 246 13.65 -4.74 4.31
C ARG B 246 15.00 -5.44 4.22
N GLN B 247 15.19 -6.24 3.16
CA GLN B 247 16.37 -7.11 2.99
C GLN B 247 17.61 -6.48 2.37
N GLY B 248 17.50 -5.35 1.66
CA GLY B 248 18.61 -4.91 0.82
C GLY B 248 18.95 -5.93 -0.29
N LEU B 249 18.11 -6.92 -0.58
CA LEU B 249 18.37 -7.85 -1.69
C LEU B 249 17.44 -7.53 -2.86
N LYS B 250 17.28 -8.44 -3.80
CA LYS B 250 16.30 -8.27 -4.84
C LYS B 250 15.57 -9.58 -5.03
N VAL B 251 14.26 -9.49 -5.25
CA VAL B 251 13.48 -10.65 -5.66
C VAL B 251 13.54 -10.86 -7.16
N SER B 252 13.95 -12.06 -7.52
CA SER B 252 13.95 -12.48 -8.91
C SER B 252 14.78 -11.56 -9.79
N CYS B 253 16.07 -11.47 -9.51
CA CYS B 253 16.95 -10.67 -10.36
C CYS B 253 17.69 -11.65 -11.24
N PRO B 254 17.34 -11.72 -12.51
CA PRO B 254 17.94 -12.71 -13.43
C PRO B 254 19.47 -12.70 -13.34
N GLU B 255 20.07 -11.53 -13.36
CA GLU B 255 21.52 -11.45 -13.28
C GLU B 255 22.05 -12.17 -12.03
N GLU B 256 21.43 -11.89 -10.89
CA GLU B 256 21.88 -12.47 -9.65
C GLU B 256 21.73 -14.01 -9.68
N ILE B 257 20.58 -14.50 -10.09
CA ILE B 257 20.37 -15.91 -10.10
C ILE B 257 21.40 -16.57 -11.04
N ALA B 258 21.63 -15.94 -12.20
CA ALA B 258 22.61 -16.46 -13.15
C ALA B 258 23.97 -16.58 -12.51
N PHE B 259 24.40 -15.49 -11.89
CA PHE B 259 25.63 -15.50 -11.12
C PHE B 259 25.67 -16.58 -10.03
N ARG B 260 24.65 -16.60 -9.15
CA ARG B 260 24.69 -17.51 -8.02
C ARG B 260 24.70 -18.97 -8.45
N LYS B 261 24.07 -19.26 -9.58
CA LYS B 261 23.95 -20.63 -10.01
C LYS B 261 25.11 -21.02 -10.92
N GLY B 262 26.05 -20.10 -11.16
CA GLY B 262 27.15 -20.33 -12.09
C GLY B 262 26.84 -20.24 -13.59
N PHE B 263 25.75 -19.60 -13.99
CA PHE B 263 25.49 -19.48 -15.44
C PHE B 263 26.49 -18.51 -16.07
N ILE B 264 26.97 -17.56 -15.27
CA ILE B 264 27.97 -16.58 -15.70
C ILE B 264 28.86 -16.34 -14.52
N ASP B 265 29.98 -15.66 -14.74
CA ASP B 265 31.00 -15.52 -13.71
C ASP B 265 31.12 -14.08 -13.25
N VAL B 266 32.04 -13.83 -12.34
CA VAL B 266 32.07 -12.50 -11.74
C VAL B 266 32.39 -11.45 -12.80
N GLU B 267 33.30 -11.76 -13.71
CA GLU B 267 33.64 -10.76 -14.74
C GLU B 267 32.46 -10.35 -15.64
N GLN B 268 31.66 -11.33 -16.09
CA GLN B 268 30.46 -11.04 -16.89
C GLN B 268 29.52 -10.07 -16.14
N VAL B 269 29.32 -10.33 -14.86
CA VAL B 269 28.47 -9.48 -14.07
C VAL B 269 29.02 -8.06 -14.08
N ARG B 270 30.32 -7.93 -13.89
CA ARG B 270 30.92 -6.61 -13.78
C ARG B 270 30.76 -5.94 -15.11
N LYS B 271 30.76 -6.74 -16.18
CA LYS B 271 30.66 -6.20 -17.53
C LYS B 271 29.24 -5.70 -17.73
N LEU B 272 28.29 -6.38 -17.07
CA LEU B 272 26.89 -5.95 -17.13
C LEU B 272 26.69 -4.67 -16.33
N ALA B 273 27.24 -4.66 -15.14
CA ALA B 273 27.03 -3.51 -14.25
C ALA B 273 27.62 -2.15 -14.71
N VAL B 274 28.83 -2.19 -15.27
CA VAL B 274 29.53 -0.94 -15.58
C VAL B 274 28.63 0.06 -16.30
N PRO B 275 28.12 -0.31 -17.47
CA PRO B 275 27.26 0.59 -18.21
C PRO B 275 26.09 1.04 -17.34
N LEU B 276 25.80 0.30 -16.28
CA LEU B 276 24.59 0.60 -15.50
C LEU B 276 24.88 1.23 -14.15
N ILE B 277 26.15 1.55 -13.94
CA ILE B 277 26.64 1.91 -12.63
C ILE B 277 25.99 3.17 -12.04
N LYS B 278 25.34 3.97 -12.88
CA LYS B 278 24.71 5.19 -12.42
C LYS B 278 23.26 4.99 -11.98
N ASN B 279 22.72 3.79 -12.14
CA ASN B 279 21.38 3.55 -11.62
C ASN B 279 21.38 2.58 -10.45
N ASN B 280 20.28 2.50 -9.72
CA ASN B 280 20.26 1.63 -8.56
C ASN B 280 20.36 0.14 -8.83
N TYR B 281 19.88 -0.28 -10.01
CA TYR B 281 19.92 -1.68 -10.39
C TYR B 281 21.37 -2.07 -10.68
N GLY B 282 22.11 -1.18 -11.32
CA GLY B 282 23.49 -1.49 -11.65
C GLY B 282 24.39 -1.60 -10.45
N GLN B 283 24.06 -0.75 -9.49
CA GLN B 283 24.80 -0.62 -8.24
C GLN B 283 24.66 -1.92 -7.47
N TYR B 284 23.47 -2.49 -7.58
CA TYR B 284 23.21 -3.76 -6.97
C TYR B 284 24.01 -4.79 -7.73
N LEU B 285 23.99 -4.77 -9.07
CA LEU B 285 24.71 -5.81 -9.76
C LEU B 285 26.15 -5.74 -9.28
N TYR B 286 26.69 -4.54 -9.26
CA TYR B 286 28.11 -4.43 -8.97
C TYR B 286 28.46 -4.82 -7.53
N LYS B 287 27.62 -4.47 -6.57
CA LYS B 287 27.96 -4.84 -5.20
C LYS B 287 28.05 -6.34 -5.02
N GLN B 288 27.35 -7.11 -5.86
CA GLN B 288 27.41 -8.56 -5.66
C GLN B 288 28.70 -9.20 -6.18
N THR B 289 29.51 -8.46 -6.95
CA THR B 289 30.84 -8.94 -7.32
C THR B 289 31.78 -8.77 -6.15
N LYS B 290 31.56 -7.69 -5.38
CA LYS B 290 32.42 -7.36 -4.23
C LYS B 290 32.47 -8.48 -3.16
N ASP B 291 31.88 -8.30 -2.55
CA ASP B 291 31.74 -9.17 -1.37
C ASP B 291 30.37 -9.88 -1.33
N LYS C 2 6.56 -30.43 31.88
CA LYS C 2 6.16 -31.17 30.64
C LYS C 2 5.93 -30.20 29.46
N MET C 3 4.88 -29.41 29.52
CA MET C 3 4.72 -28.32 28.56
C MET C 3 6.07 -27.57 28.46
N ARG C 4 6.48 -27.30 27.22
CA ARG C 4 7.62 -26.44 26.98
C ARG C 4 7.35 -24.98 27.33
N LYS C 5 8.39 -24.20 27.54
CA LYS C 5 8.19 -22.86 28.08
C LYS C 5 8.72 -21.74 27.20
N GLY C 6 7.93 -20.66 27.14
CA GLY C 6 8.26 -19.48 26.39
C GLY C 6 7.88 -18.20 27.12
N ILE C 7 8.54 -17.13 26.73
CA ILE C 7 8.20 -15.82 27.22
C ILE C 7 7.94 -14.91 26.03
N ILE C 8 6.89 -14.11 26.11
CA ILE C 8 6.68 -13.01 25.14
C ILE C 8 6.84 -11.67 25.85
N LEU C 9 7.90 -10.97 25.49
CA LEU C 9 8.21 -9.70 26.11
C LEU C 9 7.47 -8.61 25.32
N ALA C 10 6.40 -8.11 25.92
CA ALA C 10 5.53 -7.21 25.19
C ALA C 10 5.25 -5.92 25.92
N GLY C 11 6.28 -5.22 26.37
CA GLY C 11 6.07 -3.89 26.87
C GLY C 11 6.85 -2.86 26.10
N GLY C 12 7.90 -2.37 26.72
CA GLY C 12 8.65 -1.21 26.26
C GLY C 12 7.89 0.10 26.42
N SER C 13 8.55 1.21 26.15
CA SER C 13 7.89 2.53 26.23
C SER C 13 7.30 3.02 24.90
N GLY C 14 7.93 2.66 23.78
CA GLY C 14 7.31 2.90 22.49
C GLY C 14 7.56 4.30 22.01
N THR C 15 8.52 4.96 22.67
CA THR C 15 8.95 6.28 22.29
C THR C 15 8.99 6.53 20.77
N ARG C 16 9.58 5.60 20.06
CA ARG C 16 9.80 5.78 18.63
C ARG C 16 8.52 5.90 17.86
N LEU C 17 7.42 5.39 18.41
CA LEU C 17 6.13 5.44 17.74
C LEU C 17 5.16 6.50 18.29
N TYR C 18 5.62 7.40 19.19
CA TYR C 18 4.71 8.45 19.73
C TYR C 18 4.23 9.29 18.52
N PRO C 19 3.02 9.83 18.56
CA PRO C 19 2.12 9.68 19.73
C PRO C 19 1.19 8.46 19.68
N VAL C 20 1.30 7.62 18.66
CA VAL C 20 0.46 6.42 18.53
C VAL C 20 0.52 5.55 19.77
N THR C 21 1.75 5.31 20.20
CA THR C 21 1.97 4.52 21.37
C THR C 21 1.75 5.33 22.68
N MET C 22 1.42 6.62 22.57
CA MET C 22 1.00 7.31 23.81
C MET C 22 -0.35 6.67 24.17
N ALA C 23 -1.12 6.38 23.13
CA ALA C 23 -2.48 5.83 23.21
C ALA C 23 -2.58 4.31 23.52
N VAL C 24 -1.84 3.52 22.76
CA VAL C 24 -2.00 2.09 22.83
C VAL C 24 -0.68 1.35 22.78
N SER C 25 -0.66 0.20 23.46
CA SER C 25 0.56 -0.61 23.50
C SER C 25 0.90 -0.97 22.05
N LYS C 26 2.17 -0.81 21.70
CA LYS C 26 2.66 -1.23 20.38
C LYS C 26 2.21 -2.63 20.04
N GLN C 27 2.28 -3.53 21.02
CA GLN C 27 1.95 -4.95 20.75
C GLN C 27 0.45 -5.19 20.73
N LEU C 28 -0.30 -4.09 20.86
CA LEU C 28 -1.73 -4.16 20.56
C LEU C 28 -2.09 -3.42 19.28
N LEU C 29 -1.15 -2.80 18.60
CA LEU C 29 -1.49 -2.22 17.30
C LEU C 29 -1.93 -3.32 16.36
N PRO C 30 -2.88 -3.01 15.52
CA PRO C 30 -3.33 -3.95 14.49
C PRO C 30 -2.32 -4.17 13.36
N ILE C 31 -2.09 -5.45 13.02
CA ILE C 31 -1.33 -5.82 11.86
C ILE C 31 -2.34 -6.48 10.93
N TYR C 32 -2.99 -5.64 10.11
CA TYR C 32 -4.16 -5.98 9.30
C TYR C 32 -5.43 -6.32 10.10
N ASP C 33 -5.68 -7.61 10.32
CA ASP C 33 -6.90 -8.06 10.97
C ASP C 33 -6.75 -8.66 12.41
N LYS C 34 -5.58 -8.57 13.05
CA LYS C 34 -5.46 -9.01 14.45
C LYS C 34 -4.41 -8.19 15.17
N PRO C 35 -4.42 -8.16 16.51
CA PRO C 35 -3.37 -7.45 17.27
C PRO C 35 -1.98 -8.05 16.99
N MET C 36 -0.94 -7.22 17.10
CA MET C 36 0.44 -7.65 16.85
C MET C 36 0.84 -8.85 17.72
N ILE C 37 0.50 -8.82 19.00
CA ILE C 37 0.87 -9.93 19.82
C ILE C 37 0.32 -11.28 19.29
N TYR C 38 -0.65 -11.30 18.39
CA TYR C 38 -1.06 -12.63 17.90
C TYR C 38 0.04 -13.32 17.08
N TYR C 39 0.96 -12.55 16.52
CA TYR C 39 1.90 -13.14 15.54
C TYR C 39 3.06 -13.90 16.23
N PRO C 40 3.63 -13.29 17.26
CA PRO C 40 4.67 -13.92 18.08
C PRO C 40 4.10 -15.10 18.88
N LEU C 41 2.89 -14.95 19.46
CA LEU C 41 2.21 -16.06 20.19
C LEU C 41 2.10 -17.24 19.24
N SER C 42 1.62 -16.97 18.04
CA SER C 42 1.55 -17.93 16.96
C SER C 42 2.85 -18.66 16.84
N THR C 43 3.93 -17.88 16.92
CA THR C 43 5.19 -18.46 16.59
C THR C 43 5.58 -19.50 17.67
N LEU C 44 5.32 -19.17 18.93
CA LEU C 44 5.67 -20.05 20.03
C LEU C 44 4.84 -21.31 19.86
N MET C 45 3.57 -21.07 19.53
CA MET C 45 2.70 -22.21 19.35
C MET C 45 3.22 -23.15 18.26
N LEU C 46 3.73 -22.62 17.15
CA LEU C 46 4.10 -23.50 16.04
C LEU C 46 5.36 -24.24 16.42
N ALA C 47 6.06 -23.73 17.42
CA ALA C 47 7.26 -24.41 17.88
C ALA C 47 6.89 -25.52 18.85
N GLY C 48 5.62 -25.58 19.25
CA GLY C 48 5.17 -26.58 20.19
C GLY C 48 5.27 -26.05 21.60
N ILE C 49 5.45 -24.76 21.75
CA ILE C 49 5.54 -24.21 23.09
C ILE C 49 4.16 -23.74 23.49
N ARG C 50 3.72 -24.22 24.66
CA ARG C 50 2.32 -24.04 25.11
C ARG C 50 2.16 -23.38 26.44
N ASP C 51 3.23 -23.32 27.23
CA ASP C 51 3.15 -22.72 28.54
C ASP C 51 3.88 -21.41 28.49
N ILE C 52 3.15 -20.32 28.36
CA ILE C 52 3.78 -19.04 28.01
C ILE C 52 3.55 -17.97 29.05
N LEU C 53 4.61 -17.25 29.39
CA LEU C 53 4.53 -16.13 30.27
C LEU C 53 4.56 -14.84 29.40
N ILE C 54 3.63 -13.90 29.65
CA ILE C 54 3.54 -12.63 28.94
C ILE C 54 3.90 -11.47 29.89
N ILE C 55 4.92 -10.72 29.50
CA ILE C 55 5.44 -9.63 30.32
C ILE C 55 5.17 -8.30 29.64
N SER C 56 4.41 -7.44 30.33
CA SER C 56 4.23 -6.09 29.83
C SER C 56 4.35 -5.06 30.91
N THR C 57 3.93 -3.85 30.57
CA THR C 57 3.93 -2.75 31.53
C THR C 57 2.78 -2.93 32.49
N PRO C 58 2.87 -2.13 33.57
CA PRO C 58 1.83 -1.97 34.58
C PRO C 58 0.59 -1.51 33.91
N GLN C 59 0.69 -0.54 33.03
CA GLN C 59 -0.55 -0.07 32.44
C GLN C 59 -1.05 -1.11 31.43
N ASP C 60 -0.15 -1.73 30.69
CA ASP C 60 -0.61 -2.65 29.61
C ASP C 60 -0.91 -4.13 29.95
N THR C 61 -0.18 -4.71 30.91
CA THR C 61 -0.39 -6.13 31.24
C THR C 61 -1.87 -6.56 31.37
N PRO C 62 -2.66 -5.78 32.11
CA PRO C 62 -4.08 -6.07 32.31
C PRO C 62 -4.88 -6.17 31.04
N ARG C 63 -4.50 -5.32 30.10
CA ARG C 63 -5.09 -5.34 28.78
C ARG C 63 -4.67 -6.61 27.98
N PHE C 64 -3.42 -7.04 28.08
CA PHE C 64 -3.11 -8.31 27.39
C PHE C 64 -3.89 -9.42 28.07
N GLN C 65 -4.13 -9.25 29.37
CA GLN C 65 -4.86 -10.24 30.13
C GLN C 65 -6.31 -10.40 29.73
N GLN C 66 -6.97 -9.30 29.36
CA GLN C 66 -8.39 -9.38 28.99
C GLN C 66 -8.50 -9.82 27.56
N LEU C 67 -7.46 -9.53 26.79
CA LEU C 67 -7.45 -9.97 25.42
C LEU C 67 -7.30 -11.50 25.39
N LEU C 68 -6.30 -12.03 26.11
CA LEU C 68 -5.94 -13.46 25.96
C LEU C 68 -6.43 -14.41 27.05
N GLY C 69 -6.62 -13.88 28.25
CA GLY C 69 -7.17 -14.69 29.32
C GLY C 69 -6.12 -15.67 29.78
N ASP C 70 -6.56 -16.81 30.28
CA ASP C 70 -5.60 -17.79 30.74
C ASP C 70 -5.14 -18.75 29.67
N GLY C 71 -5.60 -18.57 28.44
CA GLY C 71 -5.14 -19.39 27.35
C GLY C 71 -5.78 -20.74 27.18
N SER C 72 -6.46 -21.21 28.24
CA SER C 72 -7.09 -22.54 28.30
C SER C 72 -8.03 -22.73 27.15
N GLN C 73 -8.67 -21.64 26.77
CA GLN C 73 -9.62 -21.67 25.67
C GLN C 73 -9.01 -22.16 24.34
N TRP C 74 -7.72 -21.94 24.15
CA TRP C 74 -6.95 -22.33 22.98
C TRP C 74 -5.95 -23.44 23.34
N GLY C 75 -5.99 -23.89 24.58
CA GLY C 75 -5.25 -25.09 24.94
C GLY C 75 -3.86 -24.70 25.37
N LEU C 76 -3.74 -23.46 25.79
CA LEU C 76 -2.42 -22.98 26.20
C LEU C 76 -2.54 -22.77 27.71
N ASN C 77 -1.43 -22.48 28.37
CA ASN C 77 -1.47 -21.97 29.73
C ASN C 77 -0.73 -20.62 29.70
N LEU C 78 -1.43 -19.52 29.90
CA LEU C 78 -0.80 -18.22 29.84
C LEU C 78 -0.75 -17.67 31.22
N GLN C 79 0.34 -17.01 31.60
CA GLN C 79 0.34 -16.32 32.88
C GLN C 79 1.00 -14.99 32.59
N TYR C 80 1.11 -14.14 33.60
CA TYR C 80 1.52 -12.78 33.32
C TYR C 80 2.41 -12.22 34.36
N LYS C 81 3.18 -11.23 33.97
CA LYS C 81 3.94 -10.49 34.92
C LYS C 81 4.23 -9.12 34.42
N VAL C 82 4.37 -8.19 35.35
CA VAL C 82 4.67 -6.81 35.00
C VAL C 82 6.16 -6.55 34.94
N GLN C 83 6.59 -5.77 33.97
CA GLN C 83 7.95 -5.24 34.00
C GLN C 83 7.83 -3.75 34.37
N PRO C 84 8.18 -3.40 35.60
CA PRO C 84 8.07 -2.00 36.08
C PRO C 84 8.76 -0.96 35.20
N SER C 85 9.86 -1.34 34.57
CA SER C 85 10.57 -0.42 33.70
C SER C 85 11.24 -1.16 32.55
N PRO C 86 11.36 -0.49 31.41
CA PRO C 86 11.87 -1.12 30.18
C PRO C 86 13.37 -1.12 30.27
N ASP C 87 13.86 -1.91 31.21
CA ASP C 87 15.25 -1.94 31.51
C ASP C 87 16.01 -3.04 30.77
N GLY C 88 15.42 -3.51 29.67
CA GLY C 88 16.15 -4.41 28.78
C GLY C 88 15.52 -5.78 28.53
N LEU C 89 15.82 -6.34 27.36
CA LEU C 89 15.25 -7.62 26.97
C LEU C 89 15.69 -8.70 27.95
N ALA C 90 16.91 -8.58 28.47
CA ALA C 90 17.42 -9.66 29.31
C ALA C 90 16.75 -9.73 30.68
N GLN C 91 16.00 -8.69 31.01
CA GLN C 91 15.38 -8.67 32.33
C GLN C 91 14.23 -9.65 32.32
N ALA C 92 13.81 -10.06 31.12
CA ALA C 92 12.72 -11.02 30.99
C ALA C 92 13.03 -12.30 31.77
N PHE C 93 14.28 -12.67 31.80
CA PHE C 93 14.62 -13.91 32.45
C PHE C 93 14.62 -13.73 33.96
N ILE C 94 14.93 -12.52 34.41
CA ILE C 94 14.91 -12.24 35.83
C ILE C 94 13.48 -12.23 36.34
N ILE C 95 12.64 -11.52 35.64
CA ILE C 95 11.22 -11.47 35.97
C ILE C 95 10.63 -12.87 35.88
N GLY C 96 11.06 -13.68 34.93
CA GLY C 96 10.41 -14.97 34.69
C GLY C 96 11.09 -16.12 35.39
N GLU C 97 11.99 -15.80 36.31
CA GLU C 97 12.85 -16.81 36.94
C GLU C 97 12.08 -17.94 37.56
N GLU C 98 11.00 -17.60 38.28
CA GLU C 98 10.16 -18.59 38.95
C GLU C 98 9.31 -19.35 37.94
N PHE C 99 8.84 -18.63 36.93
CA PHE C 99 8.11 -19.33 35.88
C PHE C 99 8.99 -20.40 35.26
N ILE C 100 10.22 -20.02 34.95
CA ILE C 100 11.17 -20.90 34.25
C ILE C 100 11.66 -22.10 35.09
N GLY C 101 11.90 -21.89 36.38
CA GLY C 101 12.35 -23.00 37.21
C GLY C 101 13.67 -23.56 36.74
N GLY C 102 13.75 -24.86 36.52
CA GLY C 102 14.97 -25.46 35.99
C GLY C 102 14.83 -25.73 34.49
N ASP C 103 13.83 -25.16 33.83
CA ASP C 103 13.58 -25.59 32.46
C ASP C 103 14.28 -24.77 31.38
N ASP C 104 14.32 -25.31 30.18
CA ASP C 104 14.59 -24.53 29.00
C ASP C 104 13.52 -23.42 28.88
N CYS C 105 13.78 -22.39 28.08
CA CYS C 105 12.78 -21.33 27.82
C CYS C 105 13.13 -20.66 26.52
N ALA C 106 12.12 -20.26 25.74
CA ALA C 106 12.36 -19.47 24.54
C ALA C 106 11.96 -18.06 24.89
N LEU C 107 12.54 -17.09 24.21
CA LEU C 107 12.11 -15.71 24.37
C LEU C 107 11.77 -15.24 22.99
N VAL C 108 10.53 -14.80 22.80
CA VAL C 108 10.14 -14.09 21.58
C VAL C 108 9.67 -12.63 21.92
N LEU C 109 10.20 -11.65 21.20
CA LEU C 109 9.79 -10.25 21.33
C LEU C 109 8.31 -10.06 20.91
N GLY C 110 7.56 -9.25 21.63
CA GLY C 110 6.15 -9.04 21.31
C GLY C 110 5.91 -8.43 19.92
N ASP C 111 6.98 -7.98 19.26
CA ASP C 111 6.83 -7.30 17.96
C ASP C 111 7.45 -8.07 16.75
N ASN C 112 7.85 -9.31 17.01
CA ASN C 112 8.44 -10.21 16.00
C ASN C 112 7.38 -10.90 15.17
N ILE C 113 7.32 -10.57 13.89
CA ILE C 113 6.41 -11.18 12.92
C ILE C 113 7.18 -12.00 11.89
N PHE C 114 6.96 -13.31 11.89
CA PHE C 114 7.58 -14.19 10.92
C PHE C 114 6.50 -14.74 10.05
N TYR C 115 6.81 -14.98 8.77
CA TYR C 115 5.93 -15.62 7.86
C TYR C 115 6.90 -16.32 6.97
N GLY C 116 6.50 -17.51 6.48
CA GLY C 116 7.17 -18.26 5.43
C GLY C 116 7.00 -19.80 5.43
N HIS C 117 7.43 -20.45 4.37
CA HIS C 117 7.29 -21.89 4.25
C HIS C 117 8.23 -22.64 5.18
N ASP C 118 7.70 -23.66 5.89
CA ASP C 118 8.51 -24.51 6.77
C ASP C 118 9.11 -23.89 8.03
N LEU C 119 8.42 -22.87 8.55
CA LEU C 119 8.84 -22.20 9.75
C LEU C 119 9.05 -23.21 10.88
N PRO C 120 8.14 -24.16 11.13
CA PRO C 120 8.37 -25.13 12.21
C PRO C 120 9.62 -25.97 11.98
N LYS C 121 9.87 -26.42 10.76
CA LYS C 121 11.14 -27.09 10.51
C LYS C 121 12.34 -26.18 10.86
N LEU C 122 12.24 -24.90 10.51
CA LEU C 122 13.36 -24.00 10.73
C LEU C 122 13.65 -23.89 12.21
N MET C 123 12.63 -24.06 13.04
CA MET C 123 12.79 -23.93 14.49
C MET C 123 13.05 -25.27 15.28
N GLU C 124 12.90 -26.40 14.60
CA GLU C 124 12.98 -27.72 15.24
C GLU C 124 14.31 -28.02 15.96
N ALA C 125 15.42 -27.90 15.25
CA ALA C 125 16.73 -28.05 15.92
C ALA C 125 16.80 -27.18 17.15
N ALA C 126 16.35 -25.93 17.04
CA ALA C 126 16.48 -25.05 18.20
C ALA C 126 15.66 -25.58 19.39
N VAL C 127 14.43 -25.98 19.13
CA VAL C 127 13.55 -26.38 20.22
C VAL C 127 14.12 -27.59 20.92
N ASN C 128 14.89 -28.40 20.19
CA ASN C 128 15.32 -29.70 20.70
C ASN C 128 16.75 -29.76 21.18
N LYS C 129 17.38 -28.58 21.26
CA LYS C 129 18.77 -28.48 21.74
C LYS C 129 18.85 -28.75 23.24
N GLU C 130 19.79 -29.55 23.64
CA GLU C 130 19.87 -29.91 25.03
C GLU C 130 20.67 -28.87 25.77
N SER C 131 21.74 -28.38 25.15
CA SER C 131 22.65 -27.45 25.86
C SER C 131 23.00 -26.31 24.97
N GLY C 132 22.89 -25.09 25.50
CA GLY C 132 23.33 -23.91 24.77
C GLY C 132 22.17 -23.01 24.40
N ALA C 133 22.33 -22.32 23.27
CA ALA C 133 21.36 -21.34 22.80
C ALA C 133 21.34 -21.28 21.28
N THR C 134 20.26 -20.75 20.73
CA THR C 134 20.10 -20.63 19.28
C THR C 134 19.43 -19.30 18.93
N VAL C 135 19.91 -18.61 17.90
CA VAL C 135 19.26 -17.38 17.44
C VAL C 135 19.10 -17.52 15.95
N PHE C 136 18.48 -16.56 15.30
CA PHE C 136 18.29 -16.70 13.87
C PHE C 136 18.84 -15.44 13.22
N ALA C 137 19.54 -15.59 12.09
CA ALA C 137 20.20 -14.48 11.39
C ALA C 137 19.46 -14.18 10.11
N TYR C 138 19.31 -12.90 9.78
CA TYR C 138 18.47 -12.48 8.63
C TYR C 138 19.04 -11.26 7.98
N HIS C 139 19.14 -11.33 6.67
CA HIS C 139 19.87 -10.34 5.94
C HIS C 139 18.98 -9.08 5.81
N VAL C 140 19.46 -8.00 6.37
CA VAL C 140 18.76 -6.71 6.21
C VAL C 140 19.60 -5.61 5.56
N ASN C 141 18.97 -4.55 5.08
CA ASN C 141 19.79 -3.46 4.53
C ASN C 141 20.26 -2.52 5.64
N ASP C 142 19.69 -2.62 6.82
CA ASP C 142 20.20 -1.72 7.87
C ASP C 142 20.62 -2.49 9.13
N PRO C 143 21.63 -3.33 8.96
CA PRO C 143 22.26 -4.06 10.08
C PRO C 143 22.49 -3.22 11.32
N GLU C 144 22.86 -1.94 11.15
CA GLU C 144 23.31 -1.13 12.28
C GLU C 144 22.24 -0.94 13.36
N ARG C 145 21.00 -1.31 13.07
CA ARG C 145 19.95 -1.10 14.05
C ARG C 145 19.73 -2.29 14.98
N TYR C 146 20.51 -3.35 14.80
CA TYR C 146 20.15 -4.61 15.41
C TYR C 146 21.39 -5.19 16.04
N GLY C 147 21.25 -6.37 16.64
CA GLY C 147 22.41 -7.19 16.91
C GLY C 147 22.94 -7.81 15.61
N VAL C 148 24.24 -7.69 15.39
CA VAL C 148 24.75 -8.23 14.13
C VAL C 148 25.75 -9.36 14.20
N VAL C 149 25.45 -10.43 13.47
CA VAL C 149 26.30 -11.58 13.57
C VAL C 149 27.30 -11.66 12.43
N GLU C 150 28.58 -11.76 12.77
CA GLU C 150 29.70 -11.91 11.82
C GLU C 150 30.12 -13.38 11.65
N PHE C 151 30.32 -13.76 10.41
CA PHE C 151 30.77 -15.08 10.08
C PHE C 151 32.19 -15.02 9.51
N ASP C 152 32.90 -16.15 9.59
CA ASP C 152 34.17 -16.30 8.88
C ASP C 152 33.88 -16.95 7.53
N LYS C 153 34.92 -17.11 6.72
CA LYS C 153 34.75 -17.64 5.36
C LYS C 153 34.16 -19.04 5.37
N ASN C 154 34.22 -19.72 6.50
CA ASN C 154 33.66 -21.05 6.57
C ASN C 154 32.24 -21.02 7.15
N GLY C 155 31.71 -19.84 7.44
CA GLY C 155 30.37 -19.74 8.00
C GLY C 155 30.23 -19.90 9.52
N THR C 156 31.35 -19.91 10.23
CA THR C 156 31.32 -19.89 11.71
C THR C 156 30.99 -18.52 12.36
N ALA C 157 30.03 -18.51 13.28
CA ALA C 157 29.70 -17.31 14.05
C ALA C 157 30.92 -16.92 14.85
N ILE C 158 31.57 -15.85 14.47
CA ILE C 158 32.70 -15.45 15.25
C ILE C 158 32.46 -14.21 16.06
N SER C 159 31.41 -13.44 15.77
CA SER C 159 31.19 -12.28 16.63
C SER C 159 29.82 -11.68 16.55
N LEU C 160 29.46 -10.96 17.59
CA LEU C 160 28.10 -10.49 17.79
C LEU C 160 28.12 -9.10 18.47
N GLU C 161 27.64 -8.09 17.76
CA GLU C 161 27.79 -6.73 18.23
C GLU C 161 26.46 -6.01 18.18
N GLU C 162 26.09 -5.38 19.28
CA GLU C 162 24.85 -4.67 19.34
C GLU C 162 24.99 -3.25 18.72
N LYS C 163 24.29 -2.98 17.64
CA LYS C 163 24.22 -1.67 17.00
C LYS C 163 25.59 -1.08 16.76
N PRO C 164 26.40 -1.84 16.05
CA PRO C 164 27.78 -1.47 15.75
C PRO C 164 27.81 -0.25 14.81
N LEU C 165 28.81 0.60 15.00
CA LEU C 165 29.12 1.75 14.15
C LEU C 165 29.38 1.27 12.76
N GLU C 166 30.17 0.20 12.72
CA GLU C 166 30.62 -0.40 11.48
C GLU C 166 30.27 -1.89 11.46
N PRO C 167 29.05 -2.17 11.05
CA PRO C 167 28.55 -3.55 11.06
C PRO C 167 29.54 -4.49 10.44
N LYS C 168 29.80 -5.63 11.07
CA LYS C 168 30.74 -6.54 10.44
C LYS C 168 30.06 -7.42 9.38
N SER C 169 28.76 -7.31 9.23
CA SER C 169 28.06 -8.10 8.22
C SER C 169 26.70 -7.45 7.98
N ASN C 170 25.95 -7.98 7.04
CA ASN C 170 24.57 -7.60 6.84
C ASN C 170 23.53 -8.47 7.53
N TYR C 171 23.96 -9.38 8.41
CA TYR C 171 23.03 -10.24 9.11
C TYR C 171 22.65 -9.73 10.50
N ALA C 172 21.38 -9.40 10.65
CA ALA C 172 20.82 -9.06 11.97
C ALA C 172 20.37 -10.33 12.75
N VAL C 173 20.39 -10.29 14.07
CA VAL C 173 19.74 -11.30 14.91
C VAL C 173 18.23 -10.94 15.07
N THR C 174 17.34 -11.92 14.82
CA THR C 174 15.92 -11.67 14.94
C THR C 174 15.47 -11.69 16.39
N GLY C 175 14.17 -11.44 16.57
CA GLY C 175 13.55 -11.34 17.88
C GLY C 175 13.04 -12.67 18.43
N LEU C 176 13.55 -13.79 17.92
CA LEU C 176 13.21 -15.12 18.48
C LEU C 176 14.49 -15.81 18.99
N TYR C 177 14.48 -16.30 20.22
CA TYR C 177 15.69 -16.82 20.87
C TYR C 177 15.34 -18.10 21.65
N PHE C 178 16.20 -19.11 21.59
CA PHE C 178 15.98 -20.33 22.41
C PHE C 178 17.15 -20.54 23.37
N TYR C 179 16.85 -20.78 24.64
CA TYR C 179 17.90 -20.97 25.66
C TYR C 179 17.74 -22.21 26.51
N ASP C 180 18.86 -22.77 26.98
CA ASP C 180 18.81 -23.77 28.04
C ASP C 180 18.65 -23.03 29.38
N ASN C 181 18.87 -23.75 30.46
CA ASN C 181 18.55 -23.22 31.77
C ASN C 181 19.64 -22.30 32.26
N ASP C 182 20.72 -22.16 31.51
CA ASP C 182 21.82 -21.29 31.99
C ASP C 182 21.47 -19.77 31.94
N VAL C 183 20.48 -19.42 31.12
CA VAL C 183 20.26 -18.02 30.74
C VAL C 183 19.77 -17.21 31.96
N VAL C 184 19.09 -17.87 32.88
CA VAL C 184 18.60 -17.20 34.09
C VAL C 184 19.77 -16.65 34.93
N GLN C 185 20.73 -17.50 35.28
CA GLN C 185 21.92 -17.01 35.99
C GLN C 185 22.74 -15.95 35.20
N MET C 186 22.98 -16.18 33.90
CA MET C 186 23.63 -15.15 33.11
C MET C 186 22.89 -13.83 33.27
N ALA C 187 21.58 -13.86 33.13
CA ALA C 187 20.89 -12.59 33.24
C ALA C 187 21.18 -11.87 34.58
N LYS C 188 21.24 -12.64 35.65
CA LYS C 188 21.21 -12.04 36.96
C LYS C 188 22.53 -11.36 37.20
N ASN C 189 23.47 -11.55 36.27
CA ASN C 189 24.82 -10.99 36.37
C ASN C 189 25.14 -9.89 35.33
N LEU C 190 24.21 -9.72 34.40
CA LEU C 190 24.34 -8.70 33.36
C LEU C 190 24.58 -7.28 33.89
N LYS C 191 25.37 -6.51 33.11
CA LYS C 191 25.69 -5.15 33.48
C LYS C 191 25.26 -4.17 32.43
N PRO C 192 24.66 -3.14 32.93
CA PRO C 192 24.05 -2.08 32.11
C PRO C 192 24.96 -1.44 31.06
N SER C 193 25.80 -2.25 30.46
CA SER C 193 26.72 -1.90 29.40
C SER C 193 26.39 -0.58 28.72
N ALA C 194 26.23 -0.68 27.40
CA ALA C 194 26.01 0.44 26.48
C ALA C 194 24.84 1.46 26.70
N ARG C 195 23.59 1.07 27.09
CA ARG C 195 22.48 2.11 27.12
C ARG C 195 21.31 2.07 28.14
N GLY C 196 21.49 1.64 29.39
CA GLY C 196 20.36 1.69 30.34
C GLY C 196 19.47 0.42 30.40
N GLU C 197 19.80 -0.54 29.53
CA GLU C 197 19.04 -1.79 29.43
C GLU C 197 19.93 -3.04 29.60
N LEU C 198 19.36 -4.11 30.14
CA LEU C 198 20.01 -5.42 30.23
C LEU C 198 19.84 -6.09 28.87
N GLU C 199 20.92 -6.17 28.13
CA GLU C 199 20.88 -6.62 26.73
C GLU C 199 20.89 -8.11 26.43
N ILE C 200 20.06 -8.46 25.44
CA ILE C 200 20.03 -9.83 24.92
C ILE C 200 21.36 -10.07 24.20
N THR C 201 21.92 -9.09 23.55
CA THR C 201 23.22 -9.45 23.01
C THR C 201 24.37 -9.78 23.95
N ASP C 202 24.35 -9.21 25.17
CA ASP C 202 25.30 -9.69 26.14
C ASP C 202 25.04 -11.15 26.53
N ILE C 203 23.78 -11.57 26.64
CA ILE C 203 23.53 -12.97 26.92
C ILE C 203 24.18 -13.74 25.80
N ASN C 204 23.77 -13.40 24.60
CA ASN C 204 24.16 -14.16 23.44
C ASN C 204 25.65 -14.18 23.30
N ARG C 205 26.29 -13.05 23.65
CA ARG C 205 27.76 -12.96 23.56
C ARG C 205 28.35 -13.96 24.53
N ILE C 206 27.69 -14.24 25.63
CA ILE C 206 28.28 -15.22 26.53
C ILE C 206 28.25 -16.65 26.02
N TYR C 207 27.20 -17.02 25.29
CA TYR C 207 27.07 -18.36 24.74
C TYR C 207 28.10 -18.53 23.61
N LEU C 208 28.24 -17.47 22.79
CA LEU C 208 29.20 -17.51 21.66
C LEU C 208 30.58 -17.85 22.16
N GLU C 209 31.00 -17.15 23.21
CA GLU C 209 32.34 -17.25 23.78
C GLU C 209 32.55 -18.64 24.34
N GLN C 210 31.48 -19.23 24.88
CA GLN C 210 31.55 -20.61 25.32
C GLN C 210 31.46 -21.57 24.10
N GLY C 211 31.44 -21.07 22.88
CA GLY C 211 31.25 -22.02 21.80
C GLY C 211 29.86 -22.64 21.75
N ARG C 212 28.87 -22.12 22.48
CA ARG C 212 27.54 -22.75 22.56
C ARG C 212 26.38 -22.00 21.88
N LEU C 213 26.70 -21.01 21.04
CA LEU C 213 25.64 -20.32 20.30
C LEU C 213 25.45 -20.83 18.86
N SER C 214 24.30 -21.39 18.58
CA SER C 214 23.90 -21.65 17.18
C SER C 214 23.31 -20.40 16.58
N VAL C 215 23.73 -20.10 15.34
CA VAL C 215 23.11 -19.07 14.54
C VAL C 215 22.50 -19.75 13.29
N ALA C 216 21.20 -20.02 13.35
CA ALA C 216 20.47 -20.57 12.24
C ALA C 216 20.16 -19.49 11.21
N MET C 217 20.35 -19.82 9.93
CA MET C 217 20.13 -18.82 8.90
C MET C 217 18.67 -18.82 8.45
N MET C 218 18.03 -17.67 8.59
CA MET C 218 16.70 -17.53 8.04
C MET C 218 16.88 -17.00 6.63
N GLY C 219 16.61 -17.82 5.62
CA GLY C 219 16.77 -17.42 4.23
C GLY C 219 15.83 -16.34 3.72
N ARG C 220 16.15 -15.83 2.53
CA ARG C 220 15.43 -14.68 1.97
C ARG C 220 13.95 -14.97 1.67
N GLY C 221 13.60 -16.25 1.54
CA GLY C 221 12.22 -16.67 1.22
C GLY C 221 11.30 -16.49 2.42
N TYR C 222 11.87 -16.21 3.58
CA TYR C 222 11.05 -15.93 4.75
C TYR C 222 10.86 -14.42 4.80
N ALA C 223 9.77 -14.02 5.44
CA ALA C 223 9.57 -12.62 5.80
C ALA C 223 9.66 -12.39 7.32
N TRP C 224 10.43 -11.38 7.66
CA TRP C 224 10.54 -10.87 9.01
C TRP C 224 10.15 -9.40 9.00
N LEU C 225 8.86 -9.17 9.24
CA LEU C 225 8.23 -7.86 9.09
C LEU C 225 8.75 -6.82 10.09
N ASP C 226 9.13 -5.66 9.56
CA ASP C 226 9.63 -4.57 10.35
C ASP C 226 8.49 -3.80 11.03
N THR C 227 8.52 -3.68 12.35
CA THR C 227 7.47 -2.91 13.01
C THR C 227 8.12 -1.67 13.54
N GLY C 228 9.30 -1.36 13.04
CA GLY C 228 10.05 -0.27 13.66
C GLY C 228 9.47 1.14 13.52
N THR C 229 8.79 1.45 12.41
CA THR C 229 8.35 2.83 12.19
C THR C 229 6.92 2.77 11.74
N HIS C 230 6.28 3.94 11.83
CA HIS C 230 4.90 4.03 11.35
C HIS C 230 4.79 3.56 9.91
N GLN C 231 5.78 3.85 9.09
CA GLN C 231 5.67 3.42 7.66
C GLN C 231 5.82 1.89 7.54
N SER C 232 6.71 1.31 8.32
CA SER C 232 6.92 -0.11 8.26
C SER C 232 5.70 -0.85 8.84
N LEU C 233 4.97 -0.23 9.76
CA LEU C 233 3.79 -0.90 10.27
C LEU C 233 2.70 -0.96 9.21
N ILE C 234 2.65 0.04 8.32
CA ILE C 234 1.68 -0.02 7.21
C ILE C 234 2.04 -1.18 6.32
N GLU C 235 3.34 -1.36 6.11
CA GLU C 235 3.79 -2.39 5.18
C GLU C 235 3.55 -3.77 5.75
N ALA C 236 3.72 -3.92 7.06
CA ALA C 236 3.51 -5.22 7.69
C ALA C 236 2.09 -5.62 7.44
N SER C 237 1.19 -4.68 7.75
CA SER C 237 -0.23 -4.90 7.59
C SER C 237 -0.61 -5.22 6.15
N ASN C 238 -0.08 -4.43 5.22
CA ASN C 238 -0.42 -4.67 3.83
C ASN C 238 0.11 -6.01 3.35
N PHE C 239 1.24 -6.41 3.92
CA PHE C 239 1.87 -7.68 3.58
C PHE C 239 1.01 -8.92 3.98
N ILE C 240 0.62 -8.93 5.25
CA ILE C 240 -0.30 -9.90 5.72
C ILE C 240 -1.64 -9.88 4.92
N ALA C 241 -2.19 -8.69 4.65
CA ALA C 241 -3.47 -8.63 3.97
C ALA C 241 -3.36 -9.22 2.59
N THR C 242 -2.28 -8.89 1.88
CA THR C 242 -2.10 -9.47 0.53
C THR C 242 -2.06 -11.04 0.54
N ILE C 243 -1.36 -11.65 1.51
CA ILE C 243 -1.34 -13.12 1.64
C ILE C 243 -2.75 -13.67 1.87
N GLU C 244 -3.44 -13.08 2.86
CA GLU C 244 -4.72 -13.58 3.31
C GLU C 244 -5.77 -13.38 2.26
N GLU C 245 -5.84 -12.19 1.70
CA GLU C 245 -6.89 -12.04 0.71
C GLU C 245 -6.74 -12.93 -0.52
N ARG C 246 -5.52 -13.23 -0.94
CA ARG C 246 -5.34 -14.11 -2.07
C ARG C 246 -5.78 -15.52 -1.68
N GLN C 247 -5.33 -16.02 -0.51
CA GLN C 247 -5.52 -17.41 -0.13
C GLN C 247 -6.90 -17.76 0.39
N GLY C 248 -7.62 -16.72 0.84
CA GLY C 248 -8.77 -16.91 1.73
C GLY C 248 -8.35 -17.66 2.99
N LEU C 249 -7.10 -17.52 3.42
CA LEU C 249 -6.67 -18.10 4.67
C LEU C 249 -5.97 -17.03 5.51
N LYS C 250 -5.88 -17.27 6.82
CA LYS C 250 -5.24 -16.31 7.71
C LYS C 250 -3.82 -16.67 8.07
N VAL C 251 -3.01 -15.66 8.38
CA VAL C 251 -1.68 -15.91 8.92
C VAL C 251 -1.70 -15.74 10.42
N SER C 252 -1.10 -16.67 11.14
CA SER C 252 -1.02 -16.53 12.62
C SER C 252 -2.36 -16.33 13.34
N CYS C 253 -3.38 -17.07 12.96
CA CYS C 253 -4.64 -17.14 13.69
C CYS C 253 -4.49 -18.18 14.82
N PRO C 254 -4.30 -17.79 16.07
CA PRO C 254 -4.04 -18.78 17.11
C PRO C 254 -5.03 -19.93 17.17
N GLU C 255 -6.32 -19.63 16.99
CA GLU C 255 -7.34 -20.64 17.13
C GLU C 255 -7.17 -21.65 16.02
N GLU C 256 -6.83 -21.16 14.84
CA GLU C 256 -6.66 -22.09 13.76
C GLU C 256 -5.53 -23.03 14.14
N ILE C 257 -4.45 -22.42 14.61
CA ILE C 257 -3.22 -23.18 14.83
C ILE C 257 -3.42 -24.22 15.94
N ALA C 258 -4.07 -23.82 17.02
CA ALA C 258 -4.35 -24.70 18.11
C ALA C 258 -5.10 -25.92 17.60
N PHE C 259 -6.01 -25.67 16.69
CA PHE C 259 -6.83 -26.73 16.14
C PHE C 259 -6.00 -27.68 15.23
N ARG C 260 -5.11 -27.12 14.40
CA ARG C 260 -4.40 -27.94 13.45
C ARG C 260 -3.37 -28.81 14.15
N LYS C 261 -2.92 -28.37 15.31
CA LYS C 261 -1.94 -29.05 16.10
C LYS C 261 -2.53 -30.02 17.18
N GLY C 262 -3.85 -30.02 17.33
CA GLY C 262 -4.52 -30.90 18.25
C GLY C 262 -4.59 -30.40 19.67
N PHE C 263 -4.26 -29.13 19.90
CA PHE C 263 -4.38 -28.52 21.21
C PHE C 263 -5.89 -28.48 21.62
N ILE C 264 -6.79 -28.25 20.67
CA ILE C 264 -8.20 -28.15 20.98
C ILE C 264 -8.83 -28.90 19.88
N ASP C 265 -10.06 -29.34 20.04
CA ASP C 265 -10.76 -30.16 19.01
C ASP C 265 -11.94 -29.36 18.38
N VAL C 266 -12.60 -29.93 17.37
CA VAL C 266 -13.65 -29.21 16.64
C VAL C 266 -14.62 -28.48 17.56
N GLU C 267 -15.16 -29.25 18.51
CA GLU C 267 -16.17 -28.78 19.43
C GLU C 267 -15.71 -27.51 20.14
N GLN C 268 -14.43 -27.46 20.50
CA GLN C 268 -13.92 -26.25 21.12
C GLN C 268 -13.90 -25.11 20.06
N VAL C 269 -13.54 -25.46 18.85
CA VAL C 269 -13.37 -24.42 17.86
C VAL C 269 -14.79 -23.87 17.71
N ARG C 270 -15.74 -24.77 17.50
CA ARG C 270 -17.14 -24.38 17.29
C ARG C 270 -17.66 -23.58 18.47
N LYS C 271 -17.40 -24.03 19.70
CA LYS C 271 -17.80 -23.22 20.86
C LYS C 271 -17.15 -21.80 20.85
N LEU C 272 -15.98 -21.66 20.24
CA LEU C 272 -15.35 -20.35 20.18
C LEU C 272 -16.03 -19.44 19.18
N ALA C 273 -16.50 -20.03 18.11
CA ALA C 273 -16.95 -19.32 16.94
C ALA C 273 -18.35 -18.78 17.09
N VAL C 274 -19.19 -19.57 17.73
CA VAL C 274 -20.58 -19.28 17.86
C VAL C 274 -20.90 -17.85 18.27
N PRO C 275 -20.23 -17.35 19.30
CA PRO C 275 -20.47 -15.99 19.77
C PRO C 275 -19.82 -14.96 18.83
N LEU C 276 -19.01 -15.43 17.89
CA LEU C 276 -18.23 -14.55 17.02
C LEU C 276 -18.72 -14.61 15.56
N ILE C 277 -19.75 -15.38 15.32
CA ILE C 277 -20.19 -15.61 13.96
C ILE C 277 -20.82 -14.37 13.34
N LYS C 278 -21.17 -13.43 14.21
CA LYS C 278 -21.64 -12.11 13.76
C LYS C 278 -20.52 -11.33 13.06
N ASN C 279 -19.28 -11.78 13.17
CA ASN C 279 -18.21 -11.05 12.49
C ASN C 279 -17.33 -11.97 11.61
N ASN C 280 -16.42 -11.38 10.83
CA ASN C 280 -15.73 -12.16 9.80
C ASN C 280 -14.77 -13.17 10.41
N TYR C 281 -14.25 -12.81 11.58
CA TYR C 281 -13.28 -13.65 12.25
C TYR C 281 -13.92 -14.98 12.69
N GLY C 282 -15.05 -14.88 13.40
CA GLY C 282 -15.81 -16.07 13.76
C GLY C 282 -16.24 -16.88 12.56
N GLN C 283 -16.73 -16.18 11.56
CA GLN C 283 -17.10 -16.87 10.35
C GLN C 283 -15.95 -17.74 9.88
N TYR C 284 -14.73 -17.18 9.92
CA TYR C 284 -13.53 -17.94 9.53
C TYR C 284 -13.31 -19.14 10.49
N LEU C 285 -13.48 -18.90 11.79
CA LEU C 285 -13.31 -19.96 12.76
C LEU C 285 -14.30 -21.05 12.42
N TYR C 286 -15.53 -20.66 12.13
CA TYR C 286 -16.55 -21.67 12.02
C TYR C 286 -16.33 -22.52 10.79
N LYS C 287 -15.93 -21.90 9.68
CA LYS C 287 -15.67 -22.68 8.46
C LYS C 287 -14.57 -23.73 8.68
N MET C 288 -13.63 -23.40 9.54
CA MET C 288 -12.55 -24.31 9.86
C MET C 288 -13.05 -25.73 10.13
N THR C 289 -14.02 -25.83 11.03
CA THR C 289 -14.64 -27.06 11.49
C THR C 289 -15.53 -27.78 10.46
N LYS C 290 -15.50 -27.31 9.23
CA LYS C 290 -16.35 -27.88 8.19
C LYS C 290 -15.53 -28.39 7.02
N ASP C 291 -14.04 -27.21 6.45
CA ASP C 291 -13.12 -27.20 5.28
C ASP C 291 -12.89 -25.80 4.67
N LYS D 2 -12.94 29.42 23.97
CA LYS D 2 -13.36 28.04 23.60
C LYS D 2 -14.86 28.05 23.52
N MET D 3 -15.40 29.22 23.18
CA MET D 3 -16.84 29.46 23.14
C MET D 3 -17.65 28.45 22.25
N ARG D 4 -17.20 28.16 21.02
CA ARG D 4 -18.00 27.31 20.11
C ARG D 4 -17.90 25.80 20.45
N LYS D 5 -18.97 25.05 20.22
CA LYS D 5 -19.11 23.68 20.71
C LYS D 5 -19.23 22.57 19.68
N GLY D 6 -18.64 21.44 20.04
CA GLY D 6 -18.66 20.28 19.22
C GLY D 6 -18.61 19.01 20.06
N ILE D 7 -19.05 17.93 19.44
CA ILE D 7 -19.06 16.63 20.03
C ILE D 7 -18.39 15.61 19.10
N ILE D 8 -17.52 14.78 19.68
CA ILE D 8 -16.92 13.67 18.94
C ILE D 8 -17.43 12.35 19.50
N LEU D 9 -18.16 11.62 18.69
CA LEU D 9 -18.76 10.37 19.12
C LEU D 9 -17.79 9.24 18.75
N ALA D 10 -17.13 8.71 19.77
CA ALA D 10 -16.02 7.80 19.57
C ALA D 10 -16.21 6.53 20.35
N GLY D 11 -17.38 5.93 20.32
CA GLY D 11 -17.54 4.69 21.06
C GLY D 11 -17.73 3.62 20.02
N GLY D 12 -18.88 2.94 20.09
CA GLY D 12 -19.27 1.95 19.09
C GLY D 12 -19.05 0.56 19.62
N SER D 13 -19.67 -0.43 18.98
CA SER D 13 -19.62 -1.84 19.40
C SER D 13 -18.25 -2.38 19.16
N GLY D 14 -17.65 -1.93 18.05
CA GLY D 14 -16.35 -2.45 17.65
C GLY D 14 -16.36 -3.89 17.16
N THR D 15 -17.55 -4.45 17.06
CA THR D 15 -17.78 -5.81 16.60
C THR D 15 -17.17 -6.14 15.23
N ARG D 16 -17.42 -5.30 14.24
CA ARG D 16 -16.98 -5.58 12.89
C ARG D 16 -15.47 -5.81 12.80
N LEU D 17 -14.69 -5.11 13.60
CA LEU D 17 -13.23 -5.21 13.48
C LEU D 17 -12.59 -6.26 14.39
N TYR D 18 -13.39 -7.02 15.10
CA TYR D 18 -12.84 -7.97 16.06
C TYR D 18 -11.81 -8.84 15.35
N PRO D 19 -10.74 -9.20 16.01
CA PRO D 19 -10.47 -8.87 17.41
C PRO D 19 -9.50 -7.67 17.64
N VAL D 20 -9.15 -6.96 16.58
CA VAL D 20 -8.42 -5.71 16.75
C VAL D 20 -9.05 -4.80 17.82
N THR D 21 -10.36 -4.80 17.91
CA THR D 21 -10.99 -3.83 18.78
C THR D 21 -11.40 -4.49 20.04
N MET D 22 -10.76 -5.59 20.40
CA MET D 22 -11.21 -6.33 21.58
C MET D 22 -10.66 -5.64 22.85
N ALA D 23 -9.43 -5.18 22.81
CA ALA D 23 -8.84 -4.43 23.93
C ALA D 23 -8.47 -2.99 23.55
N VAL D 24 -9.09 -2.46 22.51
CA VAL D 24 -8.76 -1.11 22.06
C VAL D 24 -9.90 -0.53 21.28
N SER D 25 -10.29 0.67 21.67
CA SER D 25 -11.27 1.44 20.95
C SER D 25 -10.76 1.69 19.55
N LYS D 26 -11.58 1.37 18.58
CA LYS D 26 -11.30 1.71 17.20
C LYS D 26 -10.71 3.12 17.03
N GLN D 27 -11.19 4.07 17.83
CA GLN D 27 -10.79 5.45 17.72
C GLN D 27 -9.41 5.80 18.34
N LEU D 28 -8.79 4.81 18.95
CA LEU D 28 -7.37 4.91 19.39
C LEU D 28 -6.40 4.26 18.39
N LEU D 29 -6.91 3.47 17.47
CA LEU D 29 -6.07 2.87 16.44
C LEU D 29 -5.33 3.92 15.64
N PRO D 30 -4.15 3.58 15.15
CA PRO D 30 -3.38 4.53 14.36
C PRO D 30 -3.96 4.67 13.00
N ILE D 31 -3.83 5.85 12.45
CA ILE D 31 -3.96 6.04 11.03
C ILE D 31 -2.60 6.68 10.73
N TYR D 32 -1.71 5.84 10.19
CA TYR D 32 -0.32 6.19 9.94
C TYR D 32 0.41 6.63 11.20
N ASP D 33 0.65 7.94 11.35
CA ASP D 33 1.44 8.43 12.48
C ASP D 33 0.67 9.06 13.66
N LYS D 34 -0.65 8.91 13.76
CA LYS D 34 -1.32 9.41 14.93
C LYS D 34 -2.63 8.68 15.17
N PRO D 35 -3.14 8.75 16.39
CA PRO D 35 -4.40 8.07 16.70
C PRO D 35 -5.52 8.65 15.85
N MET D 36 -6.47 7.79 15.49
CA MET D 36 -7.57 8.13 14.63
C MET D 36 -8.39 9.34 15.12
N ILE D 37 -8.55 9.47 16.45
CA ILE D 37 -9.37 10.59 16.96
C ILE D 37 -8.79 11.96 16.66
N TYR D 38 -7.46 12.04 16.44
CA TYR D 38 -6.80 13.29 16.07
C TYR D 38 -7.42 13.91 14.81
N TYR D 39 -7.90 13.06 13.91
CA TYR D 39 -8.41 13.53 12.62
C TYR D 39 -9.69 14.39 12.73
N PRO D 40 -10.73 13.81 13.31
CA PRO D 40 -11.99 14.52 13.58
C PRO D 40 -11.81 15.66 14.57
N LEU D 41 -11.02 15.49 15.63
CA LEU D 41 -10.67 16.60 16.52
C LEU D 41 -10.17 17.76 15.65
N SER D 42 -9.27 17.42 14.73
CA SER D 42 -8.66 18.41 13.85
C SER D 42 -9.69 19.13 13.00
N THR D 43 -10.67 18.36 12.54
CA THR D 43 -11.72 18.95 11.77
C THR D 43 -12.48 19.99 12.60
N LEU D 44 -12.85 19.61 13.83
CA LEU D 44 -13.62 20.54 14.66
C LEU D 44 -12.75 21.82 14.89
N MET D 45 -11.48 21.59 15.20
CA MET D 45 -10.57 22.71 15.47
C MET D 45 -10.49 23.57 14.22
N LEU D 46 -10.54 22.97 13.03
CA LEU D 46 -10.40 23.79 11.82
C LEU D 46 -11.66 24.56 11.60
N ALA D 47 -12.78 24.09 12.17
CA ALA D 47 -14.02 24.89 12.10
C ALA D 47 -14.08 25.99 13.16
N GLY D 48 -12.99 26.21 13.89
CA GLY D 48 -12.96 27.23 14.92
C GLY D 48 -13.76 26.82 16.15
N ILE D 49 -13.83 25.52 16.37
CA ILE D 49 -14.51 25.02 17.55
C ILE D 49 -13.47 24.55 18.60
N ARG D 50 -13.56 25.03 19.82
CA ARG D 50 -12.57 24.67 20.86
C ARG D 50 -13.12 24.01 22.12
N ASP D 51 -14.45 23.94 22.24
CA ASP D 51 -15.09 23.42 23.45
C ASP D 51 -15.76 22.14 22.99
N ILE D 52 -15.21 21.01 23.43
CA ILE D 52 -15.50 19.77 22.76
C ILE D 52 -15.68 18.63 23.76
N LEU D 53 -16.81 17.95 23.63
CA LEU D 53 -17.17 16.80 24.41
C LEU D 53 -16.73 15.50 23.69
N ILE D 54 -15.93 14.65 24.34
CA ILE D 54 -15.63 13.33 23.77
C ILE D 54 -16.46 12.26 24.44
N ILE D 55 -17.27 11.59 23.64
CA ILE D 55 -18.03 10.45 24.10
C ILE D 55 -17.44 9.11 23.63
N SER D 56 -17.27 8.21 24.57
CA SER D 56 -16.86 6.87 24.19
C SER D 56 -17.42 5.87 25.22
N THR D 57 -16.92 4.65 25.21
CA THR D 57 -17.46 3.57 26.02
C THR D 57 -17.00 3.70 27.44
N PRO D 58 -17.65 2.95 28.32
CA PRO D 58 -17.25 2.83 29.75
C PRO D 58 -15.81 2.37 29.87
N GLN D 59 -15.47 1.36 29.10
CA GLN D 59 -14.09 0.97 29.13
C GLN D 59 -13.17 2.04 28.53
N ASP D 60 -13.56 2.68 27.44
CA ASP D 60 -12.56 3.49 26.71
C ASP D 60 -12.51 5.00 27.00
N THR D 61 -13.59 5.56 27.52
CA THR D 61 -13.59 7.01 27.81
C THR D 61 -12.40 7.48 28.66
N PRO D 62 -12.09 6.76 29.74
CA PRO D 62 -10.93 7.13 30.56
C PRO D 62 -9.62 7.02 29.79
N ARG D 63 -9.60 6.20 28.74
CA ARG D 63 -8.37 6.10 27.94
C ARG D 63 -8.23 7.40 27.15
N PHE D 64 -9.33 7.91 26.60
CA PHE D 64 -9.23 9.15 25.81
C PHE D 64 -8.82 10.32 26.72
N GLN D 65 -9.33 10.31 27.94
CA GLN D 65 -8.99 11.33 28.96
C GLN D 65 -7.52 11.26 29.42
N GLN D 66 -7.00 10.03 29.54
CA GLN D 66 -5.58 9.90 29.85
C GLN D 66 -4.75 10.43 28.69
N LEU D 67 -5.24 10.24 27.45
CA LEU D 67 -4.43 10.62 26.31
C LEU D 67 -4.40 12.14 26.20
N LEU D 68 -5.57 12.77 26.28
CA LEU D 68 -5.73 14.17 25.92
C LEU D 68 -5.96 15.12 27.10
N GLY D 69 -6.33 14.60 28.28
CA GLY D 69 -6.62 15.49 29.41
C GLY D 69 -7.66 16.57 29.17
N ASP D 70 -7.51 17.72 29.85
CA ASP D 70 -8.49 18.80 29.71
C ASP D 70 -8.31 19.64 28.43
N GLY D 71 -7.32 19.29 27.62
CA GLY D 71 -7.12 19.97 26.34
C GLY D 71 -6.48 21.35 26.39
N SER D 72 -6.24 21.82 27.60
CA SER D 72 -5.64 23.14 27.81
C SER D 72 -4.24 23.17 27.25
N GLN D 73 -3.53 22.06 27.31
CA GLN D 73 -2.19 22.03 26.67
C GLN D 73 -2.31 22.41 25.18
N TRP D 74 -3.47 22.22 24.58
CA TRP D 74 -3.67 22.66 23.20
C TRP D 74 -4.62 23.83 23.05
N GLY D 75 -4.96 24.50 24.15
CA GLY D 75 -5.78 25.68 24.04
C GLY D 75 -7.23 25.29 23.80
N LEU D 76 -7.53 24.03 24.10
CA LEU D 76 -8.91 23.60 23.97
C LEU D 76 -9.49 23.40 25.37
N ASN D 77 -10.81 23.28 25.44
CA ASN D 77 -11.46 22.72 26.61
C ASN D 77 -12.08 21.36 26.25
N LEU D 78 -11.47 20.25 26.66
CA LEU D 78 -12.05 18.92 26.40
C LEU D 78 -12.79 18.40 27.62
N GLN D 79 -13.96 17.79 27.48
CA GLN D 79 -14.58 17.04 28.59
C GLN D 79 -15.06 15.68 28.08
N TYR D 80 -15.58 14.87 28.98
CA TYR D 80 -15.86 13.49 28.61
C TYR D 80 -17.14 12.96 29.17
N LYS D 81 -17.75 12.04 28.46
CA LYS D 81 -18.89 11.33 29.01
C LYS D 81 -19.08 9.99 28.38
N VAL D 82 -19.65 9.09 29.17
CA VAL D 82 -19.78 7.71 28.75
C VAL D 82 -21.07 7.45 28.05
N GLN D 83 -21.03 6.72 26.94
CA GLN D 83 -22.24 6.11 26.37
C GLN D 83 -22.29 4.64 26.83
N PRO D 84 -23.23 4.30 27.67
CA PRO D 84 -23.33 2.94 28.20
C PRO D 84 -23.47 1.85 27.16
N SER D 85 -24.19 2.16 26.10
CA SER D 85 -24.35 1.22 25.02
C SER D 85 -24.49 1.99 23.73
N PRO D 86 -24.05 1.40 22.63
CA PRO D 86 -24.04 2.10 21.35
C PRO D 86 -25.43 2.07 20.74
N ASP D 87 -26.30 2.91 21.28
CA ASP D 87 -27.72 2.87 20.97
C ASP D 87 -28.08 3.72 19.74
N GLY D 88 -27.11 4.38 19.12
CA GLY D 88 -27.42 5.26 17.97
C GLY D 88 -26.62 6.55 17.93
N LEU D 89 -26.38 7.05 16.73
CA LEU D 89 -25.67 8.28 16.55
C LEU D 89 -26.44 9.41 17.26
N ALA D 90 -27.76 9.41 17.21
CA ALA D 90 -28.50 10.54 17.79
C ALA D 90 -28.40 10.57 19.31
N GLN D 91 -28.04 9.45 19.90
CA GLN D 91 -27.84 9.52 21.35
C GLN D 91 -26.77 10.59 21.71
N ALA D 92 -25.87 10.91 20.79
CA ALA D 92 -24.85 11.89 21.12
C ALA D 92 -25.49 13.09 21.85
N PHE D 93 -26.64 13.49 21.36
CA PHE D 93 -27.24 14.71 21.79
C PHE D 93 -27.98 14.57 23.15
N ILE D 94 -28.43 13.35 23.46
CA ILE D 94 -29.05 13.08 24.76
C ILE D 94 -28.00 13.02 25.86
N ILE D 95 -26.91 12.35 25.56
CA ILE D 95 -25.75 12.35 26.43
C ILE D 95 -25.07 13.74 26.60
N GLY D 96 -24.99 14.50 25.52
CA GLY D 96 -24.35 15.81 25.52
C GLY D 96 -25.32 16.95 25.86
N GLU D 97 -26.52 16.60 26.31
CA GLU D 97 -27.52 17.61 26.71
C GLU D 97 -26.95 18.70 27.57
N GLU D 98 -26.29 18.32 28.67
CA GLU D 98 -25.79 19.29 29.62
C GLU D 98 -24.68 20.11 28.98
N PHE D 99 -23.82 19.41 28.23
CA PHE D 99 -22.68 20.06 27.61
C PHE D 99 -23.21 21.11 26.62
N ILE D 100 -24.28 20.78 25.91
CA ILE D 100 -24.77 21.67 24.88
C ILE D 100 -25.41 22.93 25.46
N GLY D 101 -26.13 22.83 26.56
CA GLY D 101 -26.75 24.02 27.12
C GLY D 101 -27.74 24.61 26.13
N ALA D 102 -27.65 25.90 25.85
CA ALA D 102 -28.58 26.27 24.82
C ALA D 102 -27.91 26.71 23.55
N ASP D 103 -26.67 26.26 23.35
CA ASP D 103 -25.91 26.70 22.18
C ASP D 103 -26.10 25.80 20.96
N ASP D 104 -25.56 26.27 19.83
CA ASP D 104 -25.37 25.46 18.64
C ASP D 104 -24.43 24.34 18.98
N CYS D 105 -24.44 23.29 18.18
CA CYS D 105 -23.44 22.25 18.40
C CYS D 105 -23.08 21.54 17.09
N ALA D 106 -21.81 21.18 16.96
CA ALA D 106 -21.51 20.25 15.88
C ALA D 106 -21.26 18.83 16.43
N LEU D 107 -21.46 17.86 15.56
CA LEU D 107 -21.16 16.45 15.86
C LEU D 107 -20.27 15.91 14.73
N VAL D 108 -19.13 15.35 15.10
CA VAL D 108 -18.35 14.61 14.14
C VAL D 108 -18.12 13.17 14.62
N LEU D 109 -18.31 12.20 13.75
CA LEU D 109 -18.01 10.84 14.19
C LEU D 109 -16.51 10.64 14.47
N GLY D 110 -16.18 9.94 15.55
CA GLY D 110 -14.78 9.64 15.84
C GLY D 110 -14.01 8.92 14.73
N ASP D 111 -14.68 8.24 13.82
CA ASP D 111 -13.83 7.60 12.83
C ASP D 111 -13.90 8.28 11.45
N ASN D 112 -14.33 9.55 11.40
CA ASN D 112 -14.42 10.25 10.11
C ASN D 112 -13.18 11.07 9.77
N ILE D 113 -12.57 10.80 8.63
CA ILE D 113 -11.30 11.43 8.23
C ILE D 113 -11.55 12.26 7.00
N PHE D 114 -11.54 13.56 7.20
CA PHE D 114 -11.65 14.45 6.08
C PHE D 114 -10.30 15.04 5.69
N TYR D 115 -10.09 15.19 4.40
CA TYR D 115 -8.93 15.94 3.89
C TYR D 115 -9.20 16.66 2.56
N GLY D 116 -8.63 17.84 2.40
CA GLY D 116 -8.73 18.47 1.10
C GLY D 116 -8.73 19.99 1.10
N HIS D 117 -8.48 20.55 -0.07
CA HIS D 117 -8.23 21.98 -0.19
C HIS D 117 -9.46 22.81 0.24
N ASP D 118 -9.23 23.86 1.03
CA ASP D 118 -10.29 24.76 1.45
C ASP D 118 -11.44 24.15 2.30
N LEU D 119 -11.19 23.05 3.01
CA LEU D 119 -12.18 22.49 3.94
C LEU D 119 -12.75 23.54 4.90
N PRO D 120 -11.88 24.30 5.54
CA PRO D 120 -12.32 25.28 6.52
C PRO D 120 -13.41 26.16 5.92
N LYS D 121 -13.21 26.56 4.65
CA LYS D 121 -14.21 27.42 4.01
C LYS D 121 -15.49 26.65 3.69
N LEU D 122 -15.34 25.40 3.24
CA LEU D 122 -16.46 24.48 3.07
C LEU D 122 -17.33 24.46 4.32
N MET D 123 -16.74 24.42 5.50
CA MET D 123 -17.55 24.34 6.72
C MET D 123 -18.09 25.71 7.13
N GLU D 124 -17.62 26.76 6.48
CA GLU D 124 -17.88 28.09 6.99
C GLU D 124 -19.32 28.52 7.08
N ALA D 125 -20.07 28.35 6.00
CA ALA D 125 -21.50 28.62 6.10
C ALA D 125 -22.21 27.78 7.20
N ALA D 126 -21.87 26.48 7.33
CA ALA D 126 -22.54 25.68 8.36
C ALA D 126 -22.31 26.30 9.75
N VAL D 127 -21.10 26.74 10.03
CA VAL D 127 -20.83 27.30 11.32
C VAL D 127 -21.51 28.63 11.55
N ASN D 128 -21.76 29.37 10.45
CA ASN D 128 -22.33 30.70 10.53
C ASN D 128 -23.82 30.70 10.43
N LYS D 129 -24.44 29.55 10.20
CA LYS D 129 -25.90 29.52 9.99
C LYS D 129 -26.61 29.83 11.32
N GLU D 130 -27.56 30.76 11.28
CA GLU D 130 -28.26 31.12 12.50
C GLU D 130 -29.15 29.98 13.02
N SER D 131 -30.04 29.47 12.17
CA SER D 131 -30.94 28.41 12.60
C SER D 131 -31.05 27.31 11.54
N GLY D 132 -31.52 26.14 11.95
CA GLY D 132 -31.50 25.00 11.03
C GLY D 132 -30.27 24.12 11.25
N ALA D 133 -29.85 23.45 10.19
CA ALA D 133 -28.80 22.45 10.32
C ALA D 133 -28.05 22.32 8.98
N THR D 134 -26.84 21.82 9.02
CA THR D 134 -26.09 21.58 7.79
C THR D 134 -25.52 20.17 7.82
N VAL D 135 -25.69 19.41 6.74
CA VAL D 135 -24.89 18.22 6.50
C VAL D 135 -24.18 18.23 5.13
N PHE D 136 -23.26 17.30 4.90
CA PHE D 136 -22.53 17.30 3.63
C PHE D 136 -22.72 15.99 2.89
N ALA D 137 -22.78 16.08 1.57
CA ALA D 137 -23.06 14.93 0.74
C ALA D 137 -21.84 14.62 -0.10
N TYR D 138 -21.53 13.33 -0.29
CA TYR D 138 -20.30 12.91 -0.92
C TYR D 138 -20.56 11.64 -1.71
N HIS D 139 -20.01 11.62 -2.89
CA HIS D 139 -20.29 10.57 -3.82
C HIS D 139 -19.43 9.35 -3.51
N VAL D 140 -20.05 8.19 -3.32
CA VAL D 140 -19.33 6.94 -3.07
C VAL D 140 -19.87 5.79 -3.95
N ASN D 141 -19.17 4.66 -4.01
CA ASN D 141 -19.70 3.56 -4.81
C ASN D 141 -20.59 2.61 -4.05
N ASP D 142 -20.76 2.86 -2.75
CA ASP D 142 -21.59 1.96 -1.93
C ASP D 142 -22.53 2.70 -0.97
N PRO D 143 -23.43 3.49 -1.53
CA PRO D 143 -24.37 4.31 -0.75
C PRO D 143 -25.21 3.50 0.26
N GLU D 144 -25.69 2.34 -0.13
CA GLU D 144 -26.38 1.44 0.83
C GLU D 144 -25.85 1.50 2.24
N ARG D 145 -24.55 1.78 2.36
CA ARG D 145 -23.96 1.68 3.69
C ARG D 145 -24.32 2.84 4.53
N TYR D 146 -24.89 3.89 3.92
CA TYR D 146 -25.01 5.17 4.62
C TYR D 146 -26.37 5.80 4.54
N GLY D 147 -26.46 6.99 5.13
CA GLY D 147 -27.64 7.81 4.93
C GLY D 147 -27.52 8.36 3.52
N VAL D 148 -28.58 8.19 2.73
CA VAL D 148 -28.55 8.55 1.32
C VAL D 148 -29.44 9.77 1.00
N VAL D 149 -28.86 10.80 0.40
CA VAL D 149 -29.66 11.99 0.13
C VAL D 149 -30.13 11.98 -1.32
N GLU D 150 -31.44 12.10 -1.54
CA GLU D 150 -32.06 12.10 -2.86
C GLU D 150 -32.25 13.51 -3.40
N PHE D 151 -31.90 13.71 -4.66
CA PHE D 151 -31.92 15.04 -5.24
C PHE D 151 -33.00 15.24 -6.30
N ASP D 152 -33.54 16.46 -6.31
CA ASP D 152 -34.49 16.99 -7.28
C ASP D 152 -33.90 16.95 -8.69
N LYS D 153 -34.75 17.14 -9.69
CA LYS D 153 -34.23 17.18 -11.04
C LYS D 153 -33.37 18.43 -11.20
N ASN D 154 -33.52 19.37 -10.28
CA ASN D 154 -32.48 20.37 -10.11
C ASN D 154 -31.56 19.70 -9.10
N GLY D 155 -30.93 20.46 -8.21
CA GLY D 155 -30.01 19.83 -7.28
C GLY D 155 -30.51 19.98 -5.87
N THR D 156 -31.83 19.88 -5.73
CA THR D 156 -32.43 20.07 -4.42
C THR D 156 -32.70 18.73 -3.73
N ALA D 157 -32.24 18.65 -2.50
CA ALA D 157 -32.48 17.51 -1.65
C ALA D 157 -33.97 17.41 -1.33
N ILE D 158 -34.49 16.20 -1.38
CA ILE D 158 -35.90 15.97 -1.14
C ILE D 158 -36.12 14.80 -0.23
N SER D 159 -35.12 13.96 -0.01
CA SER D 159 -35.34 12.82 0.86
C SER D 159 -34.04 12.22 1.37
N LEU D 160 -34.10 11.65 2.58
CA LEU D 160 -32.96 10.97 3.15
C LEU D 160 -33.42 9.55 3.49
N GLU D 161 -32.52 8.59 3.42
CA GLU D 161 -32.85 7.25 3.86
C GLU D 161 -31.68 6.55 4.54
N GLU D 162 -31.88 6.04 5.76
CA GLU D 162 -30.82 5.31 6.43
C GLU D 162 -30.67 3.94 5.74
N LYS D 163 -29.50 3.71 5.13
CA LYS D 163 -29.09 2.41 4.56
C LYS D 163 -30.12 1.77 3.66
N PRO D 164 -30.53 2.47 2.62
CA PRO D 164 -31.56 1.94 1.70
C PRO D 164 -31.13 0.75 0.90
N LEU D 165 -31.95 -0.31 0.89
CA LEU D 165 -31.76 -1.42 -0.06
C LEU D 165 -31.78 -0.90 -1.51
N GLU D 166 -32.68 0.02 -1.83
CA GLU D 166 -32.67 0.65 -3.15
C GLU D 166 -32.24 2.14 -3.07
N PRO D 167 -30.96 2.36 -2.81
CA PRO D 167 -30.41 3.70 -2.81
C PRO D 167 -30.93 4.53 -3.97
N LYS D 168 -31.37 5.77 -3.74
CA LYS D 168 -31.91 6.64 -4.79
C LYS D 168 -30.90 7.61 -5.45
N SER D 169 -29.70 7.66 -4.88
CA SER D 169 -28.59 8.45 -5.42
C SER D 169 -27.30 7.78 -4.99
N ASN D 170 -26.19 8.29 -5.46
CA ASN D 170 -24.90 7.77 -5.05
C ASN D 170 -24.20 8.68 -4.05
N TYR D 171 -25.02 9.57 -3.48
CA TYR D 171 -24.53 10.52 -2.46
C TYR D 171 -24.80 10.13 -1.00
N ALA D 172 -23.73 9.86 -0.26
CA ALA D 172 -23.86 9.55 1.16
C ALA D 172 -23.73 10.82 1.99
N VAL D 173 -24.41 10.87 3.14
CA VAL D 173 -24.19 11.94 4.11
C VAL D 173 -22.97 11.60 5.00
N THR D 174 -22.06 12.53 5.18
CA THR D 174 -20.80 12.27 5.87
C THR D 174 -21.04 12.28 7.35
N GLY D 175 -20.06 11.85 8.10
CA GLY D 175 -20.23 11.89 9.54
C GLY D 175 -19.88 13.26 10.15
N LEU D 176 -20.16 14.36 9.47
CA LEU D 176 -19.92 15.67 10.08
C LEU D 176 -21.22 16.42 10.02
N TYR D 177 -21.67 16.95 11.14
CA TYR D 177 -23.00 17.53 11.22
C TYR D 177 -23.03 18.85 12.05
N PHE D 178 -23.69 19.88 11.52
CA PHE D 178 -23.96 21.08 12.30
C PHE D 178 -25.46 21.30 12.59
N TYR D 179 -25.75 21.63 13.86
CA TYR D 179 -27.10 21.81 14.31
C TYR D 179 -27.29 23.14 15.03
N ASP D 180 -28.49 23.68 14.99
CA ASP D 180 -28.86 24.70 15.99
C ASP D 180 -29.23 24.00 17.33
N ASN D 181 -29.88 24.75 18.22
CA ASN D 181 -30.17 24.26 19.58
C ASN D 181 -31.45 23.45 19.69
N ASP D 182 -32.12 23.21 18.60
CA ASP D 182 -33.31 22.34 18.63
C ASP D 182 -32.94 20.86 18.56
N VAL D 183 -31.67 20.56 18.30
CA VAL D 183 -31.38 19.16 18.03
C VAL D 183 -31.59 18.26 19.26
N VAL D 184 -31.39 18.82 20.43
CA VAL D 184 -31.41 18.06 21.67
C VAL D 184 -32.79 17.52 21.90
N GLN D 185 -33.77 18.41 21.75
CA GLN D 185 -35.17 18.04 21.86
C GLN D 185 -35.60 17.00 20.81
N MET D 186 -35.19 17.18 19.56
CA MET D 186 -35.53 16.15 18.54
C MET D 186 -34.90 14.81 18.95
N ALA D 187 -33.66 14.85 19.35
CA ALA D 187 -33.01 13.60 19.72
C ALA D 187 -33.83 12.96 20.85
N LYS D 188 -34.13 13.74 21.90
CA LYS D 188 -34.91 13.27 23.03
C LYS D 188 -36.24 12.68 22.61
N ASN D 189 -36.80 13.16 21.49
CA ASN D 189 -38.08 12.61 21.01
C ASN D 189 -38.01 11.35 20.13
N LEU D 190 -36.83 11.01 19.60
CA LEU D 190 -36.68 9.80 18.75
C LEU D 190 -37.08 8.51 19.45
N LYS D 191 -37.57 7.55 18.68
CA LYS D 191 -37.78 6.20 19.14
C LYS D 191 -36.79 5.46 18.27
N PRO D 192 -36.21 4.36 18.73
CA PRO D 192 -35.27 3.62 17.88
C PRO D 192 -35.90 3.20 16.58
N SER D 193 -35.05 2.84 15.63
CA SER D 193 -35.50 2.39 14.35
C SER D 193 -35.58 0.84 14.26
N ALA D 194 -35.89 0.40 13.05
CA ALA D 194 -35.96 -1.02 12.74
C ALA D 194 -34.60 -1.66 12.90
N ARG D 195 -33.54 -0.85 13.00
CA ARG D 195 -32.21 -1.43 13.22
C ARG D 195 -31.92 -1.43 14.71
N GLY D 196 -32.88 -0.94 15.49
CA GLY D 196 -32.70 -0.80 16.91
C GLY D 196 -31.73 0.31 17.29
N GLU D 197 -31.68 1.37 16.47
CA GLU D 197 -30.82 2.55 16.77
C GLU D 197 -31.57 3.91 16.79
N LEU D 198 -31.09 4.86 17.62
CA LEU D 198 -31.55 6.26 17.51
C LEU D 198 -30.76 6.90 16.39
N GLU D 199 -31.45 7.20 15.30
CA GLU D 199 -30.85 7.45 14.02
C GLU D 199 -30.66 8.94 13.76
N ILE D 200 -29.43 9.38 13.57
CA ILE D 200 -29.21 10.80 13.23
C ILE D 200 -29.93 11.09 11.89
N THR D 201 -30.14 10.07 11.06
CA THR D 201 -30.90 10.29 9.83
C THR D 201 -32.30 10.84 10.12
N ASP D 202 -32.90 10.43 11.23
CA ASP D 202 -34.26 10.89 11.60
C ASP D 202 -34.26 12.35 11.94
N ILE D 203 -33.24 12.77 12.66
CA ILE D 203 -33.09 14.18 12.97
C ILE D 203 -32.91 15.00 11.69
N ASN D 204 -32.08 14.51 10.76
CA ASN D 204 -31.82 15.28 9.58
C ASN D 204 -33.10 15.42 8.76
N ARG D 205 -33.95 14.41 8.79
CA ARG D 205 -35.16 14.45 7.99
C ARG D 205 -36.12 15.43 8.66
N ILE D 206 -36.09 15.49 9.99
CA ILE D 206 -36.95 16.47 10.62
C ILE D 206 -36.58 17.89 10.14
N TYR D 207 -35.31 18.24 10.25
CA TYR D 207 -34.88 19.53 9.72
C TYR D 207 -35.22 19.63 8.24
N LEU D 208 -35.15 18.53 7.49
CA LEU D 208 -35.45 18.65 6.06
C LEU D 208 -36.92 18.98 5.87
N GLU D 209 -37.78 18.24 6.54
CA GLU D 209 -39.20 18.45 6.40
C GLU D 209 -39.60 19.87 6.80
N GLN D 210 -38.86 20.48 7.74
CA GLN D 210 -39.15 21.87 8.13
C GLN D 210 -38.60 22.88 7.12
N GLY D 211 -37.90 22.39 6.11
CA GLY D 211 -37.24 23.29 5.16
C GLY D 211 -36.08 24.03 5.80
N ARG D 212 -35.41 23.41 6.79
CA ARG D 212 -34.27 24.07 7.46
C ARG D 212 -32.94 23.29 7.35
N LEU D 213 -32.90 22.36 6.41
CA LEU D 213 -31.69 21.59 6.20
C LEU D 213 -30.88 22.10 4.98
N SER D 214 -29.67 22.58 5.23
CA SER D 214 -28.69 22.78 4.13
C SER D 214 -27.93 21.48 3.86
N VAL D 215 -28.01 21.02 2.63
CA VAL D 215 -27.10 19.92 2.31
C VAL D 215 -25.99 20.41 1.36
N ALA D 216 -24.79 20.61 1.89
CA ALA D 216 -23.65 21.06 1.07
C ALA D 216 -22.88 19.90 0.40
N LEU D 217 -22.59 20.05 -0.86
CA LEU D 217 -21.94 18.99 -1.62
C LEU D 217 -20.39 19.04 -1.38
N MET D 218 -19.79 17.91 -1.06
CA MET D 218 -18.35 17.82 -0.87
C MET D 218 -17.78 17.16 -2.10
N GLY D 219 -17.27 17.94 -3.05
CA GLY D 219 -16.91 17.38 -4.38
C GLY D 219 -15.87 16.28 -4.39
N ARG D 220 -15.65 15.67 -5.57
CA ARG D 220 -14.73 14.52 -5.69
C ARG D 220 -13.31 14.97 -5.38
N GLY D 221 -13.06 16.27 -5.42
CA GLY D 221 -11.73 16.71 -5.00
C GLY D 221 -11.38 16.50 -3.52
N TYR D 222 -12.35 16.19 -2.68
CA TYR D 222 -12.06 16.02 -1.27
C TYR D 222 -11.88 14.54 -0.97
N ALA D 223 -11.00 14.21 -0.03
CA ALA D 223 -11.02 12.83 0.48
C ALA D 223 -11.84 12.77 1.71
N TRP D 224 -12.69 11.76 1.79
CA TRP D 224 -13.49 11.43 2.99
C TRP D 224 -13.22 9.93 3.16
N LEU D 225 -12.20 9.60 3.94
CA LEU D 225 -11.64 8.23 3.97
C LEU D 225 -12.49 7.16 4.63
N ASP D 226 -12.47 6.01 4.01
CA ASP D 226 -13.25 4.88 4.50
C ASP D 226 -12.42 4.29 5.62
N THR D 227 -13.09 3.89 6.67
CA THR D 227 -12.46 3.40 7.86
C THR D 227 -13.26 2.16 8.41
N GLY D 228 -14.18 1.61 7.59
CA GLY D 228 -15.04 0.53 8.02
C GLY D 228 -14.36 -0.85 8.17
N THR D 229 -13.44 -1.18 7.27
CA THR D 229 -12.83 -2.48 7.29
C THR D 229 -11.35 -2.40 7.67
N HIS D 230 -10.79 -3.57 7.97
CA HIS D 230 -9.36 -3.69 8.23
C HIS D 230 -8.62 -3.21 7.00
N GLN D 231 -9.15 -3.51 5.81
CA GLN D 231 -8.41 -3.19 4.59
C GLN D 231 -8.53 -1.69 4.35
N SER D 232 -9.65 -1.09 4.76
CA SER D 232 -9.85 0.30 4.47
C SER D 232 -8.97 1.11 5.40
N LEU D 233 -8.67 0.54 6.58
CA LEU D 233 -7.80 1.22 7.52
C LEU D 233 -6.37 1.33 7.00
N ILE D 234 -5.90 0.26 6.38
CA ILE D 234 -4.61 0.27 5.70
C ILE D 234 -4.60 1.35 4.63
N GLU D 235 -5.66 1.39 3.84
CA GLU D 235 -5.73 2.34 2.76
C GLU D 235 -5.79 3.78 3.28
N ALA D 236 -6.48 4.01 4.39
CA ALA D 236 -6.54 5.35 4.97
C ALA D 236 -5.14 5.79 5.44
N SER D 237 -4.42 4.86 6.11
CA SER D 237 -3.04 5.19 6.52
C SER D 237 -2.08 5.42 5.38
N ASN D 238 -2.10 4.56 4.37
CA ASN D 238 -1.25 4.81 3.22
C ASN D 238 -1.46 6.20 2.61
N PHE D 239 -2.72 6.60 2.57
CA PHE D 239 -3.15 7.84 1.91
C PHE D 239 -2.57 9.00 2.64
N ILE D 240 -2.73 8.98 3.96
CA ILE D 240 -2.12 10.00 4.82
C ILE D 240 -0.59 9.98 4.70
N ALA D 241 0.00 8.79 4.77
CA ALA D 241 1.46 8.67 4.68
C ALA D 241 1.99 9.26 3.33
N THR D 242 1.28 9.02 2.26
CA THR D 242 1.77 9.48 1.01
C THR D 242 1.70 10.99 0.96
N ILE D 243 0.64 11.61 1.49
CA ILE D 243 0.57 13.06 1.56
C ILE D 243 1.73 13.65 2.41
N GLU D 244 1.93 13.10 3.61
CA GLU D 244 2.82 13.71 4.59
C GLU D 244 4.24 13.58 4.14
N GLU D 245 4.58 12.41 3.60
CA GLU D 245 5.99 12.18 3.23
C GLU D 245 6.34 12.94 1.95
N ARG D 246 5.37 13.13 1.06
CA ARG D 246 5.64 13.94 -0.12
C ARG D 246 5.80 15.43 0.28
N GLN D 247 4.92 15.97 1.13
CA GLN D 247 4.96 17.40 1.41
C GLN D 247 5.99 17.82 2.48
N GLY D 248 6.39 16.87 3.34
CA GLY D 248 7.04 17.23 4.58
C GLY D 248 6.10 17.99 5.53
N LEU D 249 4.80 17.74 5.44
CA LEU D 249 3.86 18.42 6.30
C LEU D 249 3.03 17.36 6.97
N LYS D 250 2.39 17.69 8.08
CA LYS D 250 1.55 16.68 8.72
C LYS D 250 0.07 16.99 8.44
N VAL D 251 -0.74 15.96 8.27
CA VAL D 251 -2.20 16.12 8.14
C VAL D 251 -2.89 16.01 9.50
N SER D 252 -3.75 16.96 9.85
CA SER D 252 -4.57 16.83 11.08
C SER D 252 -3.73 16.60 12.34
N CYS D 253 -2.72 17.45 12.50
CA CYS D 253 -1.87 17.46 13.67
C CYS D 253 -2.41 18.56 14.59
N PRO D 254 -3.02 18.16 15.70
CA PRO D 254 -3.65 19.13 16.57
C PRO D 254 -2.66 20.20 17.07
N GLU D 255 -1.44 19.80 17.46
CA GLU D 255 -0.53 20.81 17.95
C GLU D 255 -0.29 21.90 16.90
N GLU D 256 -0.10 21.50 15.64
CA GLU D 256 0.15 22.48 14.59
C GLU D 256 -1.08 23.35 14.44
N ILE D 257 -2.25 22.71 14.43
CA ILE D 257 -3.42 23.50 14.13
C ILE D 257 -3.64 24.46 15.27
N ALA D 258 -3.36 24.02 16.49
CA ALA D 258 -3.55 24.91 17.63
C ALA D 258 -2.58 26.10 17.49
N PHE D 259 -1.37 25.83 17.06
CA PHE D 259 -0.37 26.88 16.87
C PHE D 259 -0.76 27.87 15.76
N ARG D 260 -1.13 27.34 14.58
CA ARG D 260 -1.42 28.17 13.42
C ARG D 260 -2.59 29.12 13.66
N LYS D 261 -3.50 28.64 14.53
CA LYS D 261 -4.71 29.38 14.80
C LYS D 261 -4.54 30.27 16.02
N GLY D 262 -3.38 30.24 16.63
CA GLY D 262 -3.18 31.11 17.78
C GLY D 262 -3.75 30.62 19.08
N PHE D 263 -4.18 29.36 19.16
CA PHE D 263 -4.73 28.85 20.41
C PHE D 263 -3.57 28.75 21.44
N ILE D 264 -2.37 28.50 20.94
CA ILE D 264 -1.22 28.32 21.80
C ILE D 264 0.00 28.97 21.21
N ASP D 265 0.97 29.29 22.05
CA ASP D 265 2.15 29.99 21.56
C ASP D 265 3.43 29.14 21.46
N VAL D 266 4.46 29.87 21.04
CA VAL D 266 5.75 29.30 20.75
C VAL D 266 6.30 28.57 21.96
N GLU D 267 6.15 29.11 23.16
CA GLU D 267 6.75 28.44 24.31
C GLU D 267 6.04 27.10 24.58
N GLN D 268 4.70 27.12 24.58
CA GLN D 268 3.83 25.95 24.56
C GLN D 268 4.18 24.85 23.54
N VAL D 269 4.26 25.20 22.27
CA VAL D 269 4.60 24.21 21.24
C VAL D 269 5.90 23.57 21.61
N ARG D 270 6.85 24.43 21.91
CA ARG D 270 8.17 23.93 22.26
C ARG D 270 8.12 22.92 23.36
N LYS D 271 7.36 23.25 24.41
CA LYS D 271 7.18 22.31 25.50
C LYS D 271 6.47 21.04 25.06
N LEU D 272 5.49 21.17 24.17
CA LEU D 272 4.82 19.93 23.73
C LEU D 272 5.70 19.11 22.81
N ALA D 273 6.62 19.77 22.14
CA ALA D 273 7.45 19.12 21.11
C ALA D 273 8.55 18.18 21.65
N VAL D 274 9.16 18.59 22.75
CA VAL D 274 10.38 17.95 23.24
C VAL D 274 10.19 16.48 23.62
N PRO D 275 9.20 16.16 24.44
CA PRO D 275 8.93 14.75 24.76
C PRO D 275 8.61 13.91 23.53
N LEU D 276 8.27 14.56 22.42
CA LEU D 276 7.95 13.84 21.22
C LEU D 276 9.07 13.98 20.22
N ILE D 277 10.19 14.55 20.66
CA ILE D 277 11.22 14.91 19.67
C ILE D 277 12.26 13.83 19.27
N LYS D 278 12.20 12.65 19.84
CA LYS D 278 13.07 11.61 19.31
C LYS D 278 12.67 11.37 17.85
N ASN D 279 11.36 11.27 17.56
CA ASN D 279 10.91 11.10 16.17
C ASN D 279 10.46 12.36 15.43
N ASN D 280 10.03 12.15 14.18
CA ASN D 280 9.73 13.23 13.24
C ASN D 280 8.69 14.23 13.77
N TYR D 281 7.75 13.71 14.57
CA TYR D 281 6.58 14.46 15.06
C TYR D 281 6.94 15.64 15.95
N GLY D 282 7.81 15.37 16.92
CA GLY D 282 8.34 16.39 17.81
C GLY D 282 9.29 17.32 17.10
N GLN D 283 10.14 16.78 16.26
CA GLN D 283 11.04 17.63 15.48
C GLN D 283 10.30 18.59 14.52
N TYR D 284 9.22 18.10 13.91
CA TYR D 284 8.40 18.91 12.98
C TYR D 284 7.73 20.03 13.73
N LEU D 285 7.22 19.71 14.92
CA LEU D 285 6.62 20.75 15.73
C LEU D 285 7.63 21.82 16.21
N TYR D 286 8.81 21.40 16.66
CA TYR D 286 9.79 22.39 17.14
C TYR D 286 10.12 23.33 15.99
N LYS D 287 10.39 22.74 14.83
CA LYS D 287 10.82 23.54 13.69
C LYS D 287 9.77 24.56 13.28
N MET D 288 8.50 24.21 13.46
CA MET D 288 7.41 25.09 13.12
C MET D 288 7.60 26.40 13.88
N THR D 289 8.26 26.30 15.00
CA THR D 289 8.35 27.40 15.93
C THR D 289 9.45 28.41 15.61
N LYS D 290 10.39 28.02 14.77
CA LYS D 290 11.52 28.90 14.44
C LYS D 290 11.07 30.01 13.49
N ASP D 291 10.01 31.17 14.54
CA ASP D 291 9.39 32.37 13.92
C ASP D 291 9.57 33.62 14.81
#